data_9C2H
#
_entry.id   9C2H
#
_cell.length_a   1.00
_cell.length_b   1.00
_cell.length_c   1.00
_cell.angle_alpha   90.00
_cell.angle_beta   90.00
_cell.angle_gamma   90.00
#
_symmetry.space_group_name_H-M   'P 1'
#
loop_
_entity.id
_entity.type
_entity.pdbx_description
1 polymer Nucleoprotein
2 polymer 'Antibody Fab NP3-B4 Heavy Chain (variable region)'
3 polymer 'Antibody Fab NP3-B4 Light Chain (variable region)'
4 polymer 'Antibody Fab NP1-E9 Heavy Chain (variable region)'
5 polymer 'Antibody Fab NP1-E9 Light Chain (variable region)'
#
loop_
_entity_poly.entity_id
_entity_poly.type
_entity_poly.pdbx_seq_one_letter_code
_entity_poly.pdbx_strand_id
1 'polypeptide(L)'
;MAHHHHHHVDDDDKMENLYFQGMQTVTKKSAAEASKKPRQKRTATKAYNVTQAFGRRGPEQTQGNFGDQELIRQGTDYKH
WPQIAQFAPSASAFFGMSRIGMEVTPSGTWLTYTGAIKLDDKDPNFKDQVILLNKHIDAYKTFP
;
A,D
2 'polypeptide(L)'
;EVQLVESGGGLVQPGGSVKLSCLASGFTFSDYYMSWVRQSPEKGLEWVAEIRLESDNYATHYAESVKGKFTISRDDSKSR
LYLKMNSLRGEDTGIYYCAFDVYYGGAMDYWGQGTTVTVEVQLVESGGGLVQPGGSVKLSCLASGFTFSDYYMSWVRQSP
EKGLEWVAEIRLESDNYATHYAESVKGKFTISRDDSKSRLYLKMNSLRGEDTGIYYCAFDVYYGGAMDYWGQGTTVTV
;
B,G
3 'polypeptide(L)'
;CDIQMTQSPSIMSASPGEKVTMTCSASSSVSYMHWYQQKSSTSPKLWIYDTSELASGVPGRFSGSRSGNSYSLTISSMEA
EDVATYYCFQGSGYPLTFGGGTKLELK
;
C,H
4 'polypeptide(L)'
;QVQLQQSGPELVKPGTLVKISCKASGYTFTSYDINWVKQRPGQGLEWIGWIYPGDGSTKYNEKFKGKATLTADTSSSTAY
MQLNSLTSENSAVYFCARGLVGAMDYWGQGTSVTV
;
E,I
5 'polypeptide(L)'
;DIVMTQSQKFMSTSVGDRVSVTCKASQNVLNNVAWYQQKPGQSPKALIYSASYRYSGVPDRFTGSGSGTDFTLTISNVQS
EDLAEYFCQQYNSYPLTFGDGTKLELK
;
F,J
#
# COMPACT_ATOMS: atom_id res chain seq x y z
N LYS A 37 19.50 -1.84 0.69
CA LYS A 37 18.10 -2.23 0.78
C LYS A 37 17.28 -1.59 -0.32
N PRO A 38 16.25 -2.29 -0.79
CA PRO A 38 15.32 -1.69 -1.75
C PRO A 38 14.53 -0.57 -1.10
N ARG A 39 14.13 0.39 -1.93
CA ARG A 39 13.52 1.61 -1.40
C ARG A 39 12.14 1.37 -0.81
N GLN A 40 11.53 0.22 -1.05
CA GLN A 40 10.19 -0.03 -0.54
C GLN A 40 10.18 -0.67 0.85
N LYS A 41 11.36 -0.94 1.42
CA LYS A 41 11.45 -1.53 2.76
C LYS A 41 12.50 -0.79 3.58
N ARG A 42 12.44 0.53 3.55
CA ARG A 42 13.36 1.37 4.31
C ARG A 42 12.58 2.10 5.39
N THR A 43 12.99 1.93 6.64
CA THR A 43 12.37 2.64 7.74
C THR A 43 12.96 4.03 7.88
N ALA A 44 12.13 4.99 8.26
CA ALA A 44 12.52 6.38 8.39
C ALA A 44 12.63 6.75 9.86
N THR A 45 13.84 7.10 10.30
CA THR A 45 14.09 7.51 11.67
C THR A 45 14.73 8.89 11.69
N LYS A 46 15.19 9.33 12.86
CA LYS A 46 15.86 10.62 12.98
C LYS A 46 17.19 10.67 12.24
N ALA A 47 17.72 9.52 11.82
CA ALA A 47 18.95 9.51 11.02
C ALA A 47 18.61 9.63 9.55
N TYR A 48 17.81 8.70 9.03
CA TYR A 48 17.27 8.82 7.68
C TYR A 48 15.95 9.59 7.75
N ASN A 49 16.02 10.90 7.52
CA ASN A 49 14.81 11.70 7.48
C ASN A 49 13.91 11.24 6.33
N VAL A 50 12.61 11.48 6.48
CA VAL A 50 11.64 10.99 5.51
C VAL A 50 11.96 11.50 4.11
N THR A 51 12.34 12.77 3.99
CA THR A 51 12.77 13.30 2.70
C THR A 51 14.13 12.78 2.27
N GLN A 52 14.89 12.18 3.19
CA GLN A 52 16.21 11.66 2.86
C GLN A 52 16.18 10.23 2.34
N ALA A 53 15.04 9.56 2.39
CA ALA A 53 14.97 8.17 1.93
C ALA A 53 13.87 7.98 0.91
N PHE A 54 12.76 8.69 1.08
CA PHE A 54 11.61 8.56 0.20
C PHE A 54 11.51 9.70 -0.81
N GLY A 55 12.50 10.58 -0.86
CA GLY A 55 12.48 11.70 -1.77
C GLY A 55 11.64 12.86 -1.25
N ARG A 56 11.85 14.02 -1.87
CA ARG A 56 11.13 15.22 -1.49
C ARG A 56 9.65 15.09 -1.82
N ARG A 57 8.82 15.68 -0.98
CA ARG A 57 7.38 15.67 -1.22
C ARG A 57 7.01 16.71 -2.27
N GLY A 58 6.05 16.36 -3.13
CA GLY A 58 5.63 17.26 -4.18
C GLY A 58 4.36 16.80 -4.87
N PRO A 59 4.04 17.43 -6.01
CA PRO A 59 2.79 17.10 -6.71
C PRO A 59 2.91 15.97 -7.71
N GLU A 60 4.14 15.59 -8.07
CA GLU A 60 4.34 14.60 -9.12
C GLU A 60 3.79 13.24 -8.68
N GLN A 61 3.48 12.41 -9.69
CA GLN A 61 2.84 11.13 -9.44
C GLN A 61 3.75 10.21 -8.63
N THR A 62 5.02 10.13 -9.00
CA THR A 62 5.96 9.27 -8.28
C THR A 62 6.22 9.78 -6.87
N GLN A 63 6.35 11.11 -6.72
CA GLN A 63 6.66 11.70 -5.43
C GLN A 63 5.51 11.49 -4.44
N GLY A 64 5.86 11.44 -3.17
CA GLY A 64 4.90 11.24 -2.10
C GLY A 64 4.13 12.51 -1.77
N ASN A 65 3.11 12.34 -0.94
CA ASN A 65 2.22 13.45 -0.59
C ASN A 65 2.09 13.60 0.92
N PHE A 66 2.05 12.48 1.64
CA PHE A 66 1.81 12.51 3.07
C PHE A 66 2.98 13.13 3.81
N GLY A 67 2.69 13.77 4.92
CA GLY A 67 3.73 14.32 5.77
C GLY A 67 3.64 15.81 6.00
N ASP A 68 3.90 16.24 7.23
CA ASP A 68 3.95 17.65 7.59
C ASP A 68 5.34 17.95 8.14
N GLN A 69 5.50 19.15 8.69
CA GLN A 69 6.80 19.64 9.14
C GLN A 69 7.39 18.74 10.21
N GLU A 70 6.58 18.29 11.16
CA GLU A 70 7.09 17.47 12.26
C GLU A 70 7.41 16.05 11.81
N LEU A 71 6.56 15.46 10.97
CA LEU A 71 6.74 14.06 10.59
C LEU A 71 7.97 13.85 9.74
N ILE A 72 8.27 14.78 8.81
CA ILE A 72 9.38 14.59 7.89
C ILE A 72 10.72 14.68 8.61
N ARG A 73 10.73 15.00 9.90
CA ARG A 73 11.99 15.11 10.63
C ARG A 73 12.12 14.01 11.67
N GLN A 74 11.12 13.89 12.55
CA GLN A 74 11.18 12.91 13.63
C GLN A 74 11.09 11.49 13.09
N GLY A 75 10.23 11.26 12.12
CA GLY A 75 10.08 9.94 11.52
C GLY A 75 9.20 9.05 12.36
N THR A 76 9.64 7.80 12.57
CA THR A 76 8.89 6.85 13.39
C THR A 76 8.93 7.27 14.85
N ASP A 77 9.78 8.23 15.19
CA ASP A 77 9.85 8.79 16.53
C ASP A 77 8.80 9.87 16.76
N TYR A 78 8.01 10.21 15.74
CA TYR A 78 6.90 11.14 15.92
C TYR A 78 5.97 10.60 17.00
N LYS A 79 5.57 11.48 17.92
CA LYS A 79 4.88 11.03 19.12
C LYS A 79 3.56 10.34 18.81
N HIS A 80 2.77 10.90 17.89
CA HIS A 80 1.53 10.23 17.52
C HIS A 80 1.70 9.37 16.27
N TRP A 81 2.72 8.51 16.25
CA TRP A 81 2.91 7.63 15.11
C TRP A 81 2.06 6.36 15.19
N PRO A 82 2.00 5.66 16.33
CA PRO A 82 1.21 4.41 16.37
C PRO A 82 -0.25 4.61 15.97
N GLN A 83 -0.85 5.73 16.39
CA GLN A 83 -2.22 6.02 16.02
C GLN A 83 -2.40 6.17 14.52
N ILE A 84 -1.43 6.77 13.81
CA ILE A 84 -1.48 6.77 12.36
C ILE A 84 -0.84 5.53 11.76
N ALA A 85 -0.10 4.75 12.55
CA ALA A 85 0.48 3.50 12.08
C ALA A 85 -0.51 2.34 12.11
N GLN A 86 -1.67 2.51 12.75
CA GLN A 86 -2.71 1.50 12.72
C GLN A 86 -3.41 1.39 11.37
N PHE A 87 -2.92 2.11 10.35
CA PHE A 87 -3.47 1.99 9.01
C PHE A 87 -2.44 1.45 8.01
N ALA A 88 -1.28 1.01 8.49
CA ALA A 88 -0.28 0.47 7.58
C ALA A 88 -0.61 -0.97 7.23
N PRO A 89 -0.79 -1.28 5.95
CA PRO A 89 -1.13 -2.65 5.57
C PRO A 89 -0.03 -3.63 5.93
N SER A 90 -0.42 -4.85 6.29
CA SER A 90 0.53 -5.91 6.53
C SER A 90 1.00 -6.49 5.20
N ALA A 91 1.85 -7.52 5.29
CA ALA A 91 2.40 -8.12 4.07
C ALA A 91 1.30 -8.73 3.22
N SER A 92 0.44 -9.56 3.82
CA SER A 92 -0.62 -10.20 3.08
C SER A 92 -1.75 -9.25 2.74
N ALA A 93 -2.10 -8.34 3.65
CA ALA A 93 -3.26 -7.48 3.47
C ALA A 93 -3.07 -6.56 2.27
N PHE A 94 -1.86 -6.06 2.08
CA PHE A 94 -1.58 -5.14 0.98
C PHE A 94 -1.89 -5.78 -0.36
N PHE A 95 -1.49 -7.04 -0.53
CA PHE A 95 -1.80 -7.76 -1.77
C PHE A 95 -3.27 -8.14 -1.81
N GLY A 96 -3.84 -8.50 -0.66
CA GLY A 96 -5.20 -9.01 -0.64
C GLY A 96 -6.27 -7.96 -0.89
N MET A 97 -6.01 -6.70 -0.59
CA MET A 97 -7.02 -5.67 -0.74
C MET A 97 -6.76 -4.69 -1.87
N SER A 98 -5.53 -4.27 -2.08
CA SER A 98 -5.23 -3.28 -3.10
C SER A 98 -5.34 -3.90 -4.50
N ARG A 99 -5.65 -3.06 -5.47
CA ARG A 99 -5.67 -3.46 -6.88
C ARG A 99 -4.27 -3.21 -7.44
N ILE A 100 -3.69 -4.24 -8.05
CA ILE A 100 -2.32 -4.17 -8.53
C ILE A 100 -2.31 -4.24 -10.06
N GLY A 101 -1.36 -3.54 -10.66
CA GLY A 101 -1.17 -3.61 -12.10
C GLY A 101 0.29 -3.39 -12.46
N MET A 102 0.68 -3.87 -13.63
CA MET A 102 2.05 -3.72 -14.12
C MET A 102 2.04 -2.78 -15.32
N GLU A 103 2.81 -1.71 -15.25
CA GLU A 103 2.94 -0.74 -16.33
C GLU A 103 4.38 -0.71 -16.80
N VAL A 104 4.58 -0.88 -18.10
CA VAL A 104 5.92 -1.03 -18.66
C VAL A 104 6.15 0.05 -19.70
N THR A 105 7.24 0.79 -19.55
CA THR A 105 7.67 1.84 -20.46
C THR A 105 9.12 1.58 -20.82
N PRO A 106 9.67 2.28 -21.82
CA PRO A 106 11.11 2.19 -22.07
C PRO A 106 11.94 2.61 -20.88
N SER A 107 11.37 3.31 -19.91
CA SER A 107 12.07 3.61 -18.66
C SER A 107 12.23 2.38 -17.77
N GLY A 108 11.31 1.43 -17.84
CA GLY A 108 11.40 0.23 -17.05
C GLY A 108 10.03 -0.35 -16.77
N THR A 109 9.91 -0.99 -15.60
CA THR A 109 8.68 -1.63 -15.17
C THR A 109 8.26 -1.07 -13.82
N TRP A 110 6.96 -0.85 -13.64
CA TRP A 110 6.43 -0.30 -12.41
C TRP A 110 5.21 -1.10 -11.96
N LEU A 111 5.07 -1.25 -10.65
CA LEU A 111 3.87 -1.82 -10.05
C LEU A 111 3.00 -0.69 -9.53
N THR A 112 1.76 -0.63 -10.02
CA THR A 112 0.82 0.41 -9.65
C THR A 112 -0.22 -0.16 -8.70
N TYR A 113 -0.45 0.53 -7.59
CA TYR A 113 -1.34 0.08 -6.54
C TYR A 113 -2.46 1.09 -6.37
N THR A 114 -3.69 0.60 -6.28
CA THR A 114 -4.85 1.42 -5.99
C THR A 114 -5.61 0.78 -4.83
N GLY A 115 -5.54 1.41 -3.66
CA GLY A 115 -6.11 0.85 -2.46
C GLY A 115 -7.25 1.70 -1.92
N ALA A 116 -7.99 1.12 -0.99
CA ALA A 116 -9.09 1.82 -0.33
C ALA A 116 -9.36 1.13 0.99
N ILE A 117 -9.08 1.82 2.09
CA ILE A 117 -9.26 1.27 3.44
C ILE A 117 -10.27 2.13 4.17
N LYS A 118 -11.30 1.49 4.73
CA LYS A 118 -12.36 2.18 5.44
C LYS A 118 -11.97 2.38 6.90
N LEU A 119 -12.45 3.47 7.47
CA LEU A 119 -12.21 3.82 8.86
C LEU A 119 -13.49 3.62 9.66
N ASP A 120 -13.39 2.91 10.77
CA ASP A 120 -14.55 2.63 11.61
C ASP A 120 -15.07 3.92 12.23
N ASP A 121 -16.39 4.11 12.17
CA ASP A 121 -17.03 5.29 12.72
C ASP A 121 -17.62 5.08 14.10
N LYS A 122 -17.48 3.87 14.66
CA LYS A 122 -18.02 3.55 15.97
C LYS A 122 -16.98 3.58 17.07
N ASP A 123 -15.73 3.27 16.76
CA ASP A 123 -14.68 3.26 17.76
C ASP A 123 -14.49 4.67 18.32
N PRO A 124 -14.22 4.81 19.62
CA PRO A 124 -14.01 6.16 20.18
C PRO A 124 -12.82 6.88 19.58
N ASN A 125 -11.86 6.17 19.00
CA ASN A 125 -10.70 6.80 18.40
C ASN A 125 -11.00 7.42 17.04
N PHE A 126 -12.26 7.41 16.59
CA PHE A 126 -12.59 8.05 15.33
C PHE A 126 -12.23 9.52 15.36
N LYS A 127 -12.52 10.20 16.46
CA LYS A 127 -12.06 11.58 16.62
C LYS A 127 -10.65 11.63 17.19
N ASP A 128 -9.76 10.82 16.64
CA ASP A 128 -8.34 10.88 16.94
C ASP A 128 -7.55 10.72 15.65
N GLN A 129 -8.18 10.12 14.65
CA GLN A 129 -7.51 9.76 13.41
C GLN A 129 -7.80 10.73 12.28
N VAL A 130 -9.01 11.29 12.22
CA VAL A 130 -9.35 12.23 11.16
C VAL A 130 -8.47 13.47 11.25
N ILE A 131 -8.27 13.98 12.46
CA ILE A 131 -7.44 15.16 12.64
C ILE A 131 -6.00 14.85 12.24
N LEU A 132 -5.47 13.71 12.68
CA LEU A 132 -4.10 13.35 12.35
C LEU A 132 -3.94 13.15 10.84
N LEU A 133 -4.90 12.51 10.20
CA LEU A 133 -4.82 12.26 8.77
C LEU A 133 -5.29 13.45 7.94
N ASN A 134 -5.67 14.55 8.58
CA ASN A 134 -5.92 15.80 7.86
C ASN A 134 -4.79 16.80 8.00
N LYS A 135 -4.12 16.84 9.15
CA LYS A 135 -3.01 17.77 9.29
C LYS A 135 -1.83 17.40 8.40
N HIS A 136 -1.71 16.12 8.03
CA HIS A 136 -0.54 15.66 7.31
C HIS A 136 -0.78 15.41 5.83
N ILE A 137 -2.02 15.16 5.41
CA ILE A 137 -2.30 14.89 4.01
C ILE A 137 -2.24 16.18 3.21
N ASP A 138 -1.52 16.14 2.10
CA ASP A 138 -1.41 17.28 1.17
C ASP A 138 -0.88 18.52 1.87
N ALA A 139 0.13 18.34 2.73
CA ALA A 139 0.68 19.42 3.54
C ALA A 139 1.89 20.07 2.90
N TYR A 140 2.32 19.60 1.74
CA TYR A 140 3.48 20.18 1.10
C TYR A 140 3.20 21.54 0.47
N LYS A 141 1.93 21.86 0.26
CA LYS A 141 1.55 23.17 -0.27
C LYS A 141 1.65 24.27 0.77
N THR A 142 1.79 23.92 2.05
CA THR A 142 1.86 24.90 3.12
C THR A 142 3.27 25.25 3.54
N PHE A 143 4.25 24.43 3.19
CA PHE A 143 5.64 24.72 3.53
C PHE A 143 6.09 25.99 2.81
N PRO A 144 6.88 26.85 3.47
CA PRO A 144 7.40 28.08 2.89
C PRO A 144 8.20 27.85 1.61
N GLU B 1 -18.23 -25.33 -18.74
CA GLU B 1 -19.52 -25.23 -18.06
C GLU B 1 -19.53 -26.10 -16.82
N VAL B 2 -20.53 -25.88 -15.95
CA VAL B 2 -20.65 -26.65 -14.71
C VAL B 2 -22.08 -27.15 -14.57
N GLN B 3 -22.24 -28.44 -14.27
CA GLN B 3 -23.55 -29.03 -14.06
C GLN B 3 -23.40 -30.19 -13.09
N LEU B 4 -23.87 -30.01 -11.86
CA LEU B 4 -23.80 -31.05 -10.85
C LEU B 4 -25.04 -31.93 -10.91
N VAL B 5 -24.85 -33.24 -10.75
CA VAL B 5 -25.97 -34.18 -10.71
C VAL B 5 -25.80 -35.10 -9.52
N GLU B 6 -26.84 -35.18 -8.68
CA GLU B 6 -26.78 -36.00 -7.48
C GLU B 6 -27.96 -36.95 -7.43
N SER B 7 -27.71 -38.16 -6.92
CA SER B 7 -28.73 -39.19 -6.83
C SER B 7 -28.36 -40.15 -5.72
N GLY B 8 -29.04 -41.29 -5.68
CA GLY B 8 -28.79 -42.33 -4.71
C GLY B 8 -29.73 -42.35 -3.53
N GLY B 9 -30.64 -41.39 -3.44
CA GLY B 9 -31.54 -41.35 -2.31
C GLY B 9 -32.70 -42.32 -2.45
N GLY B 10 -33.44 -42.47 -1.37
CA GLY B 10 -34.60 -43.35 -1.36
C GLY B 10 -35.15 -43.51 0.04
N LEU B 11 -36.16 -44.36 0.16
CA LEU B 11 -36.74 -44.65 1.46
C LEU B 11 -35.78 -45.51 2.28
N VAL B 12 -35.56 -45.12 3.53
CA VAL B 12 -34.67 -45.83 4.43
C VAL B 12 -35.36 -46.01 5.78
N GLN B 13 -35.28 -47.22 6.31
CA GLN B 13 -35.85 -47.43 7.64
C GLN B 13 -34.91 -46.93 8.72
N PRO B 14 -35.43 -46.60 9.91
CA PRO B 14 -34.55 -46.10 10.98
C PRO B 14 -33.43 -47.08 11.32
N GLY B 15 -32.24 -46.55 11.54
CA GLY B 15 -31.07 -47.36 11.81
C GLY B 15 -30.33 -47.85 10.59
N GLY B 16 -30.86 -47.59 9.40
CA GLY B 16 -30.23 -48.05 8.17
C GLY B 16 -29.09 -47.15 7.73
N SER B 17 -28.50 -47.52 6.61
CA SER B 17 -27.38 -46.78 6.03
C SER B 17 -27.60 -46.60 4.55
N VAL B 18 -27.49 -45.36 4.07
CA VAL B 18 -27.62 -45.07 2.64
C VAL B 18 -26.31 -44.49 2.15
N LYS B 19 -26.21 -44.25 0.85
CA LYS B 19 -24.98 -43.71 0.27
C LYS B 19 -25.29 -42.82 -0.92
N LEU B 20 -25.39 -41.52 -0.68
CA LEU B 20 -25.69 -40.58 -1.75
C LEU B 20 -24.49 -40.43 -2.68
N SER B 21 -24.76 -39.99 -3.90
CA SER B 21 -23.73 -39.78 -4.91
C SER B 21 -23.81 -38.35 -5.43
N CYS B 22 -22.70 -37.87 -5.98
CA CYS B 22 -22.65 -36.53 -6.54
C CYS B 22 -21.61 -36.46 -7.65
N LEU B 23 -22.07 -36.55 -8.90
CA LEU B 23 -21.20 -36.59 -10.06
C LEU B 23 -21.16 -35.22 -10.72
N ALA B 24 -19.96 -34.80 -11.11
CA ALA B 24 -19.73 -33.51 -11.74
C ALA B 24 -19.01 -33.71 -13.07
N SER B 25 -19.35 -32.85 -14.02
CA SER B 25 -18.71 -32.86 -15.33
C SER B 25 -18.61 -31.42 -15.84
N GLY B 26 -17.46 -31.08 -16.41
CA GLY B 26 -17.23 -29.78 -16.99
C GLY B 26 -16.18 -28.94 -16.30
N PHE B 27 -15.59 -29.43 -15.21
CA PHE B 27 -14.52 -28.71 -14.53
C PHE B 27 -13.58 -29.70 -13.88
N THR B 28 -12.38 -29.22 -13.55
CA THR B 28 -11.36 -30.04 -12.91
C THR B 28 -11.76 -30.26 -11.46
N PHE B 29 -12.44 -31.37 -11.20
CA PHE B 29 -12.96 -31.65 -9.87
C PHE B 29 -11.85 -31.84 -8.84
N SER B 30 -10.64 -32.14 -9.28
CA SER B 30 -9.54 -32.37 -8.35
C SER B 30 -8.91 -31.07 -7.86
N ASP B 31 -9.57 -29.93 -8.07
CA ASP B 31 -8.98 -28.65 -7.69
C ASP B 31 -10.00 -27.71 -7.05
N TYR B 32 -11.01 -28.25 -6.36
CA TYR B 32 -11.99 -27.41 -5.70
C TYR B 32 -12.52 -28.14 -4.46
N TYR B 33 -13.03 -27.36 -3.52
CA TYR B 33 -13.72 -27.91 -2.36
C TYR B 33 -15.09 -28.40 -2.76
N MET B 34 -15.79 -29.00 -1.80
CA MET B 34 -17.20 -29.31 -1.94
C MET B 34 -17.80 -29.64 -0.59
N SER B 35 -19.06 -29.23 -0.39
CA SER B 35 -19.76 -29.42 0.86
C SER B 35 -21.20 -29.85 0.57
N TRP B 36 -21.86 -30.34 1.62
CA TRP B 36 -23.26 -30.73 1.52
C TRP B 36 -24.13 -29.81 2.36
N VAL B 37 -25.35 -29.59 1.91
CA VAL B 37 -26.31 -28.76 2.64
C VAL B 37 -27.65 -29.48 2.66
N ARG B 38 -28.21 -29.65 3.85
CA ARG B 38 -29.50 -30.32 4.01
C ARG B 38 -30.63 -29.30 4.09
N GLN B 39 -31.86 -29.80 3.89
CA GLN B 39 -33.05 -28.97 3.99
C GLN B 39 -34.18 -29.78 4.60
N SER B 40 -34.97 -29.13 5.44
CA SER B 40 -36.12 -29.73 6.08
C SER B 40 -37.28 -28.75 6.01
N PRO B 41 -38.53 -29.24 6.03
CA PRO B 41 -39.67 -28.33 5.94
C PRO B 41 -39.80 -27.41 7.14
N GLU B 42 -39.14 -27.74 8.23
CA GLU B 42 -39.30 -26.97 9.46
C GLU B 42 -38.02 -26.26 9.88
N LYS B 43 -36.90 -26.98 9.89
CA LYS B 43 -35.66 -26.43 10.45
C LYS B 43 -34.87 -25.67 9.40
N GLY B 44 -35.39 -25.56 8.19
CA GLY B 44 -34.67 -24.78 7.20
C GLY B 44 -33.38 -25.46 6.78
N LEU B 45 -32.43 -24.64 6.32
CA LEU B 45 -31.16 -25.14 5.85
C LEU B 45 -30.16 -25.25 6.99
N GLU B 46 -29.45 -26.36 7.01
CA GLU B 46 -28.37 -26.59 7.96
C GLU B 46 -27.17 -27.14 7.21
N TRP B 47 -25.98 -26.91 7.76
CA TRP B 47 -24.75 -27.33 7.12
C TRP B 47 -24.40 -28.74 7.55
N VAL B 48 -24.13 -29.61 6.58
CA VAL B 48 -23.83 -31.01 6.88
C VAL B 48 -22.35 -31.17 7.14
N ALA B 49 -21.52 -30.92 6.14
CA ALA B 49 -20.07 -31.04 6.26
C ALA B 49 -19.42 -30.57 4.96
N GLU B 50 -18.10 -30.53 4.96
CA GLU B 50 -17.32 -30.16 3.77
C GLU B 50 -16.10 -31.07 3.68
N ILE B 51 -15.43 -31.01 2.54
CA ILE B 51 -14.20 -31.76 2.33
C ILE B 51 -13.20 -30.87 1.61
N ARG B 52 -11.91 -31.18 1.78
CA ARG B 52 -10.83 -30.36 1.25
C ARG B 52 -9.97 -31.17 0.28
N LEU B 53 -9.03 -30.48 -0.35
CA LEU B 53 -8.28 -31.04 -1.47
C LEU B 53 -7.33 -32.14 -1.00
N GLU B 54 -6.76 -32.84 -1.98
CA GLU B 54 -5.84 -33.93 -1.71
C GLU B 54 -4.57 -33.45 -1.03
N SER B 55 -4.26 -32.16 -1.17
CA SER B 55 -3.04 -31.61 -0.59
C SER B 55 -3.00 -31.80 0.91
N ASP B 56 -4.12 -31.52 1.58
CA ASP B 56 -4.17 -31.64 3.04
C ASP B 56 -4.66 -33.03 3.46
N ASN B 57 -4.07 -34.06 2.89
CA ASN B 57 -4.33 -35.46 3.25
C ASN B 57 -5.83 -35.76 3.25
N TYR B 58 -6.53 -35.18 2.28
CA TYR B 58 -7.99 -35.24 2.22
C TYR B 58 -8.61 -34.87 3.56
N ALA B 59 -8.32 -33.65 4.03
CA ALA B 59 -8.87 -33.22 5.31
C ALA B 59 -10.40 -33.11 5.21
N THR B 60 -11.04 -33.34 6.35
CA THR B 60 -12.50 -33.30 6.41
C THR B 60 -12.90 -32.32 7.51
N HIS B 61 -14.18 -31.94 7.51
CA HIS B 61 -14.74 -31.13 8.57
C HIS B 61 -16.26 -31.28 8.61
N TYR B 62 -16.77 -31.78 9.73
CA TYR B 62 -18.18 -32.10 9.89
C TYR B 62 -18.85 -31.13 10.85
N ALA B 63 -20.18 -31.08 10.78
CA ALA B 63 -20.95 -30.20 11.64
C ALA B 63 -21.02 -30.73 13.07
N GLU B 64 -21.81 -30.07 13.91
CA GLU B 64 -21.90 -30.42 15.32
C GLU B 64 -22.95 -31.49 15.58
N SER B 65 -24.19 -31.21 15.21
CA SER B 65 -25.29 -32.14 15.49
C SER B 65 -25.09 -33.45 14.74
N VAL B 66 -24.38 -33.40 13.61
CA VAL B 66 -24.17 -34.59 12.79
C VAL B 66 -22.69 -34.92 12.75
N LYS B 67 -21.98 -34.64 13.85
CA LYS B 67 -20.55 -34.92 13.93
C LYS B 67 -20.27 -36.39 13.64
N GLY B 68 -21.02 -37.28 14.27
CA GLY B 68 -20.99 -38.69 13.96
C GLY B 68 -22.01 -39.04 12.90
N LYS B 69 -22.14 -40.34 12.65
CA LYS B 69 -23.16 -40.90 11.76
C LYS B 69 -23.05 -40.42 10.32
N PHE B 70 -21.97 -39.74 9.97
CA PHE B 70 -21.78 -39.24 8.61
C PHE B 70 -20.31 -39.33 8.24
N THR B 71 -20.04 -39.50 6.95
CA THR B 71 -18.65 -39.58 6.50
C THR B 71 -18.58 -39.13 5.04
N ILE B 72 -17.78 -38.11 4.76
CA ILE B 72 -17.57 -37.63 3.39
C ILE B 72 -16.23 -38.14 2.89
N SER B 73 -16.25 -38.79 1.73
CA SER B 73 -15.03 -39.23 1.07
C SER B 73 -15.11 -38.84 -0.40
N ARG B 74 -13.96 -38.69 -1.03
CA ARG B 74 -13.91 -38.20 -2.41
C ARG B 74 -12.85 -38.98 -3.18
N ASP B 75 -13.27 -39.75 -4.17
CA ASP B 75 -12.35 -40.32 -5.13
C ASP B 75 -12.21 -39.38 -6.32
N ASP B 76 -10.97 -39.00 -6.63
CA ASP B 76 -10.72 -38.01 -7.66
C ASP B 76 -10.75 -38.58 -9.07
N SER B 77 -10.49 -39.87 -9.24
CA SER B 77 -10.41 -40.44 -10.59
C SER B 77 -11.77 -40.41 -11.28
N LYS B 78 -12.80 -40.89 -10.61
CA LYS B 78 -14.13 -40.97 -11.21
C LYS B 78 -14.88 -39.66 -11.05
N SER B 79 -14.26 -38.70 -10.37
CA SER B 79 -14.83 -37.38 -10.16
C SER B 79 -16.20 -37.45 -9.50
N ARG B 80 -16.26 -38.00 -8.29
CA ARG B 80 -17.49 -38.04 -7.52
C ARG B 80 -17.22 -37.68 -6.07
N LEU B 81 -18.28 -37.31 -5.37
CA LEU B 81 -18.23 -37.09 -3.93
C LEU B 81 -19.23 -38.03 -3.26
N TYR B 82 -18.76 -38.77 -2.26
CA TYR B 82 -19.57 -39.75 -1.56
C TYR B 82 -19.85 -39.26 -0.15
N LEU B 83 -21.11 -39.31 0.25
CA LEU B 83 -21.55 -38.97 1.60
C LEU B 83 -22.26 -40.18 2.20
N LYS B 84 -21.55 -40.96 3.00
CA LYS B 84 -22.09 -42.15 3.63
C LYS B 84 -22.76 -41.79 4.95
N MET B 85 -23.91 -42.44 5.18
CA MET B 85 -24.72 -42.18 6.36
C MET B 85 -24.90 -43.47 7.13
N ASN B 86 -25.11 -43.35 8.44
CA ASN B 86 -25.36 -44.49 9.31
C ASN B 86 -26.32 -44.09 10.42
N SER B 87 -27.27 -44.98 10.71
CA SER B 87 -28.22 -44.82 11.81
C SER B 87 -28.96 -43.49 11.69
N LEU B 88 -29.72 -43.38 10.60
CA LEU B 88 -30.52 -42.18 10.35
C LEU B 88 -31.74 -42.17 11.25
N ARG B 89 -31.84 -41.14 12.09
CA ARG B 89 -33.00 -40.97 12.96
C ARG B 89 -34.09 -40.18 12.23
N GLY B 90 -35.13 -39.77 12.96
CA GLY B 90 -36.22 -39.04 12.34
C GLY B 90 -35.93 -37.62 11.97
N GLU B 91 -34.80 -37.08 12.41
CA GLU B 91 -34.46 -35.69 12.10
C GLU B 91 -33.94 -35.52 10.68
N ASP B 92 -33.49 -36.59 10.04
CA ASP B 92 -32.89 -36.51 8.70
C ASP B 92 -33.95 -36.82 7.64
N THR B 93 -34.84 -35.86 7.44
CA THR B 93 -35.87 -35.94 6.42
C THR B 93 -35.79 -34.72 5.51
N GLY B 94 -35.79 -34.95 4.20
CA GLY B 94 -35.87 -33.84 3.26
C GLY B 94 -34.88 -33.99 2.13
N ILE B 95 -34.47 -32.85 1.59
CA ILE B 95 -33.65 -32.79 0.39
C ILE B 95 -32.23 -32.39 0.73
N TYR B 96 -31.27 -33.10 0.13
CA TYR B 96 -29.84 -32.82 0.31
C TYR B 96 -29.31 -32.24 -0.99
N TYR B 97 -28.37 -31.30 -0.88
CA TYR B 97 -27.77 -30.63 -2.02
C TYR B 97 -26.25 -30.69 -1.93
N CYS B 98 -25.62 -30.80 -3.08
CA CYS B 98 -24.19 -30.55 -3.22
C CYS B 98 -23.95 -29.07 -3.43
N ALA B 99 -22.78 -28.58 -3.02
CA ALA B 99 -22.46 -27.18 -3.23
C ALA B 99 -20.95 -26.98 -3.19
N PHE B 100 -20.40 -26.35 -4.23
CA PHE B 100 -19.00 -26.00 -4.27
C PHE B 100 -18.85 -24.58 -4.78
N ASP B 101 -17.76 -23.93 -4.39
CA ASP B 101 -17.49 -22.54 -4.74
C ASP B 101 -16.24 -22.44 -5.60
N VAL B 102 -16.23 -21.45 -6.49
CA VAL B 102 -15.10 -21.23 -7.37
C VAL B 102 -14.02 -20.51 -6.60
N TYR B 103 -14.35 -19.33 -6.09
CA TYR B 103 -13.44 -18.61 -5.20
C TYR B 103 -13.43 -19.31 -3.85
N TYR B 104 -12.42 -20.14 -3.60
CA TYR B 104 -12.41 -21.07 -2.49
C TYR B 104 -12.79 -20.39 -1.17
N GLY B 105 -13.92 -20.78 -0.61
CA GLY B 105 -14.36 -20.24 0.67
C GLY B 105 -15.70 -19.55 0.61
N GLY B 106 -16.52 -19.79 1.62
CA GLY B 106 -17.75 -19.04 1.80
C GLY B 106 -18.79 -19.20 0.70
N ALA B 107 -18.96 -18.15 -0.10
CA ALA B 107 -20.09 -18.03 -1.02
C ALA B 107 -20.23 -19.23 -1.95
N MET B 108 -21.33 -19.96 -1.81
CA MET B 108 -21.59 -21.10 -2.69
C MET B 108 -22.50 -20.68 -3.83
N ASP B 109 -22.03 -20.86 -5.04
CA ASP B 109 -22.75 -20.36 -6.20
C ASP B 109 -23.23 -21.47 -7.14
N TYR B 110 -22.47 -22.55 -7.27
CA TYR B 110 -22.85 -23.66 -8.14
C TYR B 110 -23.51 -24.73 -7.29
N TRP B 111 -24.84 -24.77 -7.31
CA TRP B 111 -25.61 -25.76 -6.58
C TRP B 111 -26.01 -26.89 -7.52
N GLY B 112 -26.80 -27.83 -7.01
CA GLY B 112 -27.18 -28.99 -7.79
C GLY B 112 -28.67 -29.09 -8.04
N GLN B 113 -29.22 -30.30 -7.88
CA GLN B 113 -30.64 -30.52 -8.14
C GLN B 113 -31.37 -30.89 -6.86
N GLY B 114 -30.85 -31.88 -6.13
CA GLY B 114 -31.47 -32.30 -4.89
C GLY B 114 -31.70 -33.78 -4.82
N THR B 115 -31.50 -34.38 -3.65
CA THR B 115 -31.72 -35.81 -3.44
C THR B 115 -32.64 -35.97 -2.24
N THR B 116 -33.71 -36.75 -2.41
CA THR B 116 -34.76 -36.85 -1.39
C THR B 116 -34.48 -38.06 -0.51
N VAL B 117 -34.38 -37.84 0.80
CA VAL B 117 -34.21 -38.90 1.77
C VAL B 117 -35.35 -38.80 2.77
N THR B 118 -36.09 -39.89 2.94
CA THR B 118 -37.20 -39.96 3.88
C THR B 118 -36.99 -41.12 4.84
N VAL B 119 -37.31 -40.88 6.11
CA VAL B 119 -37.14 -41.89 7.14
C VAL B 119 -38.15 -43.01 6.98
N ASP C 2 -20.52 -22.75 19.38
CA ASP C 2 -19.61 -21.61 19.52
C ASP C 2 -20.23 -20.34 18.97
N ILE C 3 -20.96 -20.47 17.85
CA ILE C 3 -21.55 -19.33 17.15
C ILE C 3 -23.04 -19.60 16.98
N GLN C 4 -23.85 -18.57 17.27
CA GLN C 4 -25.30 -18.65 17.11
C GLN C 4 -25.77 -17.43 16.35
N MET C 5 -26.57 -17.65 15.32
CA MET C 5 -27.09 -16.59 14.46
C MET C 5 -28.60 -16.67 14.41
N THR C 6 -29.26 -15.51 14.44
CA THR C 6 -30.72 -15.45 14.53
C THR C 6 -31.22 -14.28 13.68
N GLN C 7 -32.00 -14.58 12.65
CA GLN C 7 -32.66 -13.53 11.89
C GLN C 7 -33.84 -12.98 12.67
N SER C 8 -34.00 -11.66 12.64
CA SER C 8 -34.98 -11.02 13.52
C SER C 8 -36.41 -11.25 13.06
N PRO C 9 -36.80 -10.88 11.84
CA PRO C 9 -38.20 -11.10 11.44
C PRO C 9 -38.41 -12.54 10.99
N SER C 10 -39.45 -13.17 11.54
CA SER C 10 -39.76 -14.55 11.16
C SER C 10 -40.52 -14.58 9.85
N ILE C 11 -41.71 -13.98 9.82
CA ILE C 11 -42.53 -13.87 8.62
C ILE C 11 -42.96 -12.41 8.52
N MET C 12 -42.32 -11.67 7.63
CA MET C 12 -42.60 -10.25 7.44
C MET C 12 -43.39 -10.05 6.16
N SER C 13 -44.51 -9.34 6.26
CA SER C 13 -45.34 -9.04 5.11
C SER C 13 -44.81 -7.83 4.38
N ALA C 14 -45.29 -7.63 3.15
CA ALA C 14 -44.82 -6.53 2.32
C ALA C 14 -45.91 -6.08 1.38
N SER C 15 -45.74 -4.89 0.83
CA SER C 15 -46.63 -4.30 -0.15
C SER C 15 -45.82 -3.78 -1.34
N PRO C 16 -46.39 -3.77 -2.54
CA PRO C 16 -45.62 -3.37 -3.72
C PRO C 16 -45.07 -1.95 -3.59
N GLY C 17 -43.84 -1.76 -4.05
CA GLY C 17 -43.21 -0.47 -4.03
C GLY C 17 -42.75 -0.01 -2.66
N GLU C 18 -42.96 -0.80 -1.62
CA GLU C 18 -42.57 -0.39 -0.28
C GLU C 18 -41.12 -0.78 0.00
N LYS C 19 -40.65 -0.41 1.19
CA LYS C 19 -39.31 -0.73 1.65
C LYS C 19 -39.35 -1.95 2.55
N VAL C 20 -38.38 -2.85 2.35
CA VAL C 20 -38.28 -4.07 3.13
C VAL C 20 -36.94 -4.09 3.84
N THR C 21 -36.93 -4.51 5.10
CA THR C 21 -35.69 -4.57 5.87
C THR C 21 -35.62 -5.92 6.59
N MET C 22 -34.57 -6.67 6.34
CA MET C 22 -34.33 -7.92 7.05
C MET C 22 -33.03 -7.83 7.82
N THR C 23 -33.05 -8.31 9.07
CA THR C 23 -31.91 -8.18 9.97
C THR C 23 -31.43 -9.53 10.43
N CYS C 24 -30.13 -9.78 10.27
CA CYS C 24 -29.47 -10.97 10.79
C CYS C 24 -28.43 -10.54 11.81
N SER C 25 -28.51 -11.11 13.00
CA SER C 25 -27.58 -10.80 14.07
C SER C 25 -26.37 -11.73 13.97
N ALA C 26 -25.28 -11.37 14.65
CA ALA C 26 -24.09 -12.22 14.64
C ALA C 26 -23.31 -12.06 15.93
N SER C 27 -23.51 -12.97 16.88
CA SER C 27 -22.76 -12.93 18.14
C SER C 27 -21.38 -13.55 17.95
N SER C 28 -20.62 -13.04 16.99
CA SER C 28 -19.32 -13.61 16.67
C SER C 28 -18.50 -12.54 15.96
N SER C 29 -17.40 -12.97 15.32
CA SER C 29 -16.53 -12.08 14.55
C SER C 29 -16.52 -12.49 13.08
N VAL C 30 -17.70 -12.75 12.53
CA VAL C 30 -17.81 -13.14 11.13
C VAL C 30 -17.42 -11.96 10.25
N SER C 31 -16.39 -12.14 9.43
CA SER C 31 -15.85 -11.08 8.61
C SER C 31 -16.87 -10.57 7.60
N TYR C 32 -17.28 -11.43 6.68
CA TYR C 32 -18.26 -11.07 5.66
C TYR C 32 -19.41 -12.06 5.70
N MET C 33 -20.64 -11.56 5.73
CA MET C 33 -21.82 -12.40 5.82
C MET C 33 -22.41 -12.56 4.42
N HIS C 34 -22.20 -13.73 3.82
CA HIS C 34 -22.78 -14.03 2.52
C HIS C 34 -24.29 -14.20 2.68
N TRP C 35 -25.03 -14.09 1.57
CA TRP C 35 -26.46 -13.90 1.74
C TRP C 35 -27.21 -14.53 0.58
N TYR C 36 -28.05 -15.55 0.88
CA TYR C 36 -28.67 -16.38 -0.14
C TYR C 36 -30.18 -16.19 -0.16
N GLN C 37 -30.80 -16.68 -1.23
CA GLN C 37 -32.24 -16.67 -1.41
C GLN C 37 -32.69 -17.97 -2.07
N GLN C 38 -33.77 -18.56 -1.55
CA GLN C 38 -34.35 -19.78 -2.10
C GLN C 38 -35.82 -19.55 -2.40
N LYS C 39 -36.26 -19.96 -3.58
CA LYS C 39 -37.66 -19.88 -3.94
C LYS C 39 -38.32 -21.24 -3.73
N SER C 40 -39.62 -21.31 -4.00
CA SER C 40 -40.36 -22.55 -3.79
C SER C 40 -40.01 -23.57 -4.86
N SER C 41 -39.66 -24.79 -4.41
CA SER C 41 -39.34 -25.91 -5.29
C SER C 41 -38.28 -25.55 -6.32
N THR C 42 -37.09 -25.16 -5.86
CA THR C 42 -36.00 -24.83 -6.76
C THR C 42 -34.70 -24.91 -5.99
N SER C 43 -33.61 -24.74 -6.71
CA SER C 43 -32.30 -24.77 -6.07
C SER C 43 -31.99 -23.39 -5.49
N PRO C 44 -31.34 -23.33 -4.33
CA PRO C 44 -30.97 -22.02 -3.77
C PRO C 44 -29.99 -21.27 -4.67
N LYS C 45 -30.06 -19.96 -4.64
CA LYS C 45 -29.18 -19.09 -5.41
C LYS C 45 -28.55 -18.04 -4.49
N LEU C 46 -27.41 -17.54 -4.91
CA LEU C 46 -26.67 -16.54 -4.14
C LEU C 46 -27.08 -15.13 -4.57
N TRP C 47 -27.19 -14.22 -3.60
CA TRP C 47 -27.69 -12.88 -3.88
C TRP C 47 -26.82 -11.76 -3.34
N ILE C 48 -26.05 -11.98 -2.27
CA ILE C 48 -25.07 -11.00 -1.80
C ILE C 48 -23.77 -11.70 -1.50
N TYR C 49 -22.69 -11.24 -2.14
CA TYR C 49 -21.38 -11.88 -2.06
C TYR C 49 -20.67 -11.61 -0.74
N ASP C 50 -20.27 -10.37 -0.50
CA ASP C 50 -19.63 -10.01 0.76
C ASP C 50 -20.28 -8.75 1.30
N THR C 51 -21.45 -8.92 1.92
CA THR C 51 -22.06 -7.94 2.82
C THR C 51 -22.51 -6.68 2.07
N SER C 52 -22.00 -6.48 0.85
CA SER C 52 -22.39 -5.30 0.08
C SER C 52 -22.71 -5.64 -1.37
N GLU C 53 -21.94 -6.56 -1.94
CA GLU C 53 -21.97 -6.77 -3.38
C GLU C 53 -23.19 -7.57 -3.79
N LEU C 54 -23.92 -7.05 -4.77
CA LEU C 54 -24.98 -7.83 -5.39
C LEU C 54 -24.37 -8.93 -6.25
N ALA C 55 -25.11 -10.02 -6.39
CA ALA C 55 -24.60 -11.20 -7.06
C ALA C 55 -24.59 -11.02 -8.57
N SER C 56 -24.31 -12.11 -9.29
CA SER C 56 -24.37 -12.10 -10.73
C SER C 56 -25.81 -12.38 -11.18
N GLY C 57 -26.32 -11.56 -12.09
CA GLY C 57 -27.68 -11.73 -12.55
C GLY C 57 -28.68 -11.41 -11.46
N VAL C 58 -28.77 -10.14 -11.07
CA VAL C 58 -29.66 -9.72 -9.99
C VAL C 58 -30.13 -8.30 -10.26
N PRO C 59 -31.39 -7.98 -9.94
CA PRO C 59 -31.80 -6.58 -9.97
C PRO C 59 -31.03 -5.77 -8.94
N GLY C 60 -30.85 -4.49 -9.24
CA GLY C 60 -30.08 -3.61 -8.38
C GLY C 60 -30.88 -3.06 -7.23
N ARG C 61 -32.05 -3.64 -6.97
CA ARG C 61 -32.91 -3.15 -5.91
C ARG C 61 -32.30 -3.36 -4.53
N PHE C 62 -31.64 -4.50 -4.32
CA PHE C 62 -31.22 -4.88 -2.98
C PHE C 62 -29.91 -4.20 -2.60
N SER C 63 -29.69 -4.04 -1.29
CA SER C 63 -28.42 -3.51 -0.82
C SER C 63 -28.19 -3.95 0.61
N GLY C 64 -26.99 -4.46 0.88
CA GLY C 64 -26.62 -4.90 2.21
C GLY C 64 -26.02 -3.78 3.05
N SER C 65 -25.86 -4.07 4.34
CA SER C 65 -25.28 -3.11 5.27
C SER C 65 -24.41 -3.83 6.28
N ARG C 66 -23.63 -3.06 7.03
CA ARG C 66 -22.73 -3.60 8.04
C ARG C 66 -22.87 -2.79 9.33
N SER C 67 -24.10 -2.58 9.77
CA SER C 67 -24.34 -1.76 10.96
C SER C 67 -23.84 -2.52 12.19
N GLY C 68 -22.54 -2.43 12.43
CA GLY C 68 -21.95 -3.11 13.56
C GLY C 68 -22.01 -4.63 13.38
N ASN C 69 -22.11 -5.32 14.52
CA ASN C 69 -22.27 -6.77 14.48
C ASN C 69 -23.59 -7.20 13.88
N SER C 70 -24.54 -6.29 13.73
CA SER C 70 -25.82 -6.58 13.10
C SER C 70 -25.72 -6.29 11.60
N TYR C 71 -26.17 -7.24 10.80
CA TYR C 71 -26.16 -7.10 9.35
C TYR C 71 -27.60 -7.03 8.86
N SER C 72 -27.81 -6.34 7.74
CA SER C 72 -29.16 -6.14 7.24
C SER C 72 -29.17 -6.07 5.73
N LEU C 73 -30.30 -6.48 5.15
CA LEU C 73 -30.60 -6.27 3.74
C LEU C 73 -31.76 -5.28 3.63
N THR C 74 -31.59 -4.28 2.78
CA THR C 74 -32.63 -3.33 2.44
C THR C 74 -33.09 -3.62 1.01
N ILE C 75 -34.38 -3.91 0.88
CA ILE C 75 -35.03 -4.05 -0.43
C ILE C 75 -35.72 -2.73 -0.70
N SER C 76 -35.25 -2.02 -1.74
CA SER C 76 -35.77 -0.70 -2.08
C SER C 76 -37.27 -0.73 -2.35
N SER C 77 -37.68 -1.45 -3.38
CA SER C 77 -39.08 -1.56 -3.75
C SER C 77 -39.44 -3.02 -3.94
N MET C 78 -40.61 -3.40 -3.42
CA MET C 78 -41.09 -4.76 -3.53
C MET C 78 -41.64 -5.01 -4.93
N GLU C 79 -41.60 -6.27 -5.34
CA GLU C 79 -42.12 -6.68 -6.63
C GLU C 79 -42.56 -8.14 -6.54
N ALA C 80 -43.31 -8.58 -7.55
CA ALA C 80 -43.76 -9.96 -7.59
C ALA C 80 -42.59 -10.93 -7.62
N GLU C 81 -41.44 -10.49 -8.14
CA GLU C 81 -40.25 -11.32 -8.25
C GLU C 81 -39.47 -11.45 -6.95
N ASP C 82 -40.00 -11.09 -5.78
CA ASP C 82 -39.24 -11.19 -4.54
C ASP C 82 -39.97 -11.96 -3.46
N VAL C 83 -40.97 -12.77 -3.80
CA VAL C 83 -41.68 -13.56 -2.82
C VAL C 83 -41.00 -14.91 -2.68
N ALA C 84 -40.12 -15.04 -1.68
CA ALA C 84 -39.39 -16.27 -1.45
C ALA C 84 -38.83 -16.26 -0.03
N THR C 85 -37.99 -17.25 0.28
CA THR C 85 -37.28 -17.26 1.54
C THR C 85 -35.88 -16.69 1.35
N TYR C 86 -35.33 -16.14 2.44
CA TYR C 86 -34.05 -15.44 2.39
C TYR C 86 -33.23 -15.87 3.60
N TYR C 87 -31.96 -16.19 3.39
CA TYR C 87 -31.11 -16.73 4.44
C TYR C 87 -29.79 -15.98 4.52
N CYS C 88 -29.24 -15.90 5.74
CA CYS C 88 -27.92 -15.35 5.98
C CYS C 88 -26.94 -16.48 6.23
N PHE C 89 -25.70 -16.31 5.78
CA PHE C 89 -24.71 -17.37 5.85
C PHE C 89 -23.34 -16.82 6.25
N GLN C 90 -22.68 -17.58 7.11
CA GLN C 90 -21.36 -17.31 7.66
C GLN C 90 -20.30 -17.95 6.76
N GLY C 91 -19.11 -18.17 7.30
CA GLY C 91 -18.00 -18.62 6.48
C GLY C 91 -16.66 -18.04 6.87
N SER C 92 -16.60 -17.43 8.05
CA SER C 92 -15.33 -17.08 8.65
C SER C 92 -14.77 -18.27 9.43
N GLY C 93 -15.56 -18.78 10.37
CA GLY C 93 -15.12 -19.93 11.16
C GLY C 93 -15.52 -21.24 10.49
N TYR C 94 -14.81 -22.31 10.82
CA TYR C 94 -15.12 -23.61 10.25
C TYR C 94 -16.53 -24.12 10.54
N PRO C 95 -17.05 -24.06 11.77
CA PRO C 95 -18.43 -24.54 11.98
C PRO C 95 -19.46 -23.61 11.36
N LEU C 96 -19.68 -23.77 10.05
CA LEU C 96 -20.59 -22.92 9.31
C LEU C 96 -22.00 -23.04 9.87
N THR C 97 -22.76 -21.95 9.78
CA THR C 97 -24.11 -21.93 10.30
C THR C 97 -24.98 -21.05 9.43
N PHE C 98 -26.10 -21.58 8.96
CA PHE C 98 -27.10 -20.80 8.27
C PHE C 98 -28.04 -20.16 9.29
N GLY C 99 -28.80 -19.17 8.84
CA GLY C 99 -29.72 -18.47 9.71
C GLY C 99 -30.99 -19.24 9.96
N GLY C 100 -32.10 -18.52 10.10
CA GLY C 100 -33.37 -19.16 10.31
C GLY C 100 -34.32 -18.92 9.15
N GLY C 101 -34.02 -17.92 8.35
CA GLY C 101 -34.85 -17.62 7.20
C GLY C 101 -35.94 -16.61 7.51
N THR C 102 -36.26 -15.79 6.52
CA THR C 102 -37.35 -14.83 6.60
C THR C 102 -38.23 -14.99 5.38
N LYS C 103 -39.54 -15.09 5.61
CA LYS C 103 -40.51 -15.35 4.55
C LYS C 103 -41.25 -14.06 4.24
N LEU C 104 -40.98 -13.50 3.07
CA LEU C 104 -41.60 -12.23 2.65
C LEU C 104 -42.86 -12.53 1.84
N GLU C 105 -44.01 -12.17 2.38
CA GLU C 105 -45.28 -12.30 1.68
C GLU C 105 -45.86 -10.92 1.39
N LEU C 106 -46.84 -10.91 0.48
CA LEU C 106 -47.46 -9.67 0.04
C LEU C 106 -48.72 -9.37 0.84
N LYS C 107 -49.26 -8.18 0.62
CA LYS C 107 -50.49 -7.76 1.29
C LYS C 107 -51.52 -7.21 0.31
N LYS D 37 -10.00 -7.89 14.77
CA LYS D 37 -8.94 -7.16 14.10
C LYS D 37 -9.48 -6.35 12.93
N PRO D 38 -8.85 -5.22 12.63
CA PRO D 38 -9.26 -4.44 11.46
C PRO D 38 -8.90 -5.16 10.17
N ARG D 39 -9.62 -4.80 9.11
CA ARG D 39 -9.46 -5.50 7.83
C ARG D 39 -8.08 -5.27 7.22
N GLN D 40 -7.41 -4.17 7.59
CA GLN D 40 -6.13 -3.85 6.97
C GLN D 40 -4.95 -4.57 7.60
N LYS D 41 -5.16 -5.34 8.67
CA LYS D 41 -4.07 -6.04 9.35
C LYS D 41 -4.43 -7.49 9.63
N ARG D 42 -4.96 -8.18 8.61
CA ARG D 42 -5.27 -9.60 8.72
C ARG D 42 -4.29 -10.41 7.89
N THR D 43 -3.70 -11.42 8.49
CA THR D 43 -2.80 -12.31 7.78
C THR D 43 -3.56 -13.54 7.29
N ALA D 44 -3.41 -13.84 6.00
CA ALA D 44 -4.12 -14.95 5.38
C ALA D 44 -3.28 -16.23 5.46
N THR D 45 -3.95 -17.34 5.66
CA THR D 45 -3.30 -18.65 5.76
C THR D 45 -4.27 -19.71 5.27
N LYS D 46 -3.96 -20.96 5.57
CA LYS D 46 -4.82 -22.07 5.18
C LYS D 46 -6.09 -22.17 6.01
N ALA D 47 -6.22 -21.36 7.06
CA ALA D 47 -7.45 -21.32 7.85
C ALA D 47 -8.34 -20.20 7.36
N TYR D 48 -7.82 -18.98 7.35
CA TYR D 48 -8.48 -17.86 6.70
C TYR D 48 -8.01 -17.78 5.26
N ASN D 49 -8.78 -18.36 4.35
CA ASN D 49 -8.46 -18.24 2.93
C ASN D 49 -8.54 -16.78 2.51
N VAL D 50 -7.76 -16.44 1.47
CA VAL D 50 -7.67 -15.05 1.05
C VAL D 50 -9.05 -14.52 0.69
N THR D 51 -9.85 -15.32 0.00
CA THR D 51 -11.22 -14.94 -0.29
C THR D 51 -12.10 -14.90 0.96
N GLN D 52 -11.70 -15.60 2.03
CA GLN D 52 -12.51 -15.64 3.24
C GLN D 52 -12.34 -14.42 4.13
N ALA D 53 -11.30 -13.64 3.94
CA ALA D 53 -11.10 -12.48 4.80
C ALA D 53 -10.95 -11.19 4.02
N PHE D 54 -10.37 -11.23 2.83
CA PHE D 54 -10.16 -10.04 2.03
C PHE D 54 -11.27 -9.79 1.02
N GLY D 55 -12.29 -10.64 1.00
CA GLY D 55 -13.39 -10.49 0.07
C GLY D 55 -13.16 -11.25 -1.22
N ARG D 56 -14.26 -11.61 -1.88
CA ARG D 56 -14.20 -12.32 -3.14
C ARG D 56 -13.56 -11.44 -4.20
N ARG D 57 -12.59 -11.98 -4.93
CA ARG D 57 -11.89 -11.21 -5.94
C ARG D 57 -12.81 -10.93 -7.11
N GLY D 58 -12.76 -9.70 -7.62
CA GLY D 58 -13.62 -9.29 -8.71
C GLY D 58 -13.15 -8.04 -9.42
N PRO D 59 -14.02 -7.48 -10.27
CA PRO D 59 -13.62 -6.31 -11.06
C PRO D 59 -13.99 -4.98 -10.43
N GLU D 60 -14.62 -5.00 -9.26
CA GLU D 60 -15.09 -3.77 -8.63
C GLU D 60 -13.92 -2.97 -8.06
N GLN D 61 -14.21 -1.70 -7.75
CA GLN D 61 -13.15 -0.80 -7.29
C GLN D 61 -12.61 -1.22 -5.93
N THR D 62 -13.51 -1.54 -4.99
CA THR D 62 -13.07 -1.90 -3.65
C THR D 62 -12.36 -3.25 -3.64
N GLN D 63 -12.87 -4.21 -4.40
CA GLN D 63 -12.32 -5.57 -4.39
C GLN D 63 -10.98 -5.62 -5.09
N GLY D 64 -10.17 -6.60 -4.68
CA GLY D 64 -8.85 -6.80 -5.25
C GLY D 64 -8.85 -7.76 -6.42
N ASN D 65 -7.67 -7.95 -7.01
CA ASN D 65 -7.54 -8.80 -8.18
C ASN D 65 -6.32 -9.72 -8.19
N PHE D 66 -5.47 -9.69 -7.17
CA PHE D 66 -4.30 -10.55 -7.15
C PHE D 66 -4.70 -11.99 -6.81
N GLY D 67 -3.78 -12.91 -7.08
CA GLY D 67 -4.01 -14.33 -6.85
C GLY D 67 -4.55 -15.02 -8.08
N ASP D 68 -4.09 -16.24 -8.36
CA ASP D 68 -4.45 -16.88 -9.63
C ASP D 68 -5.35 -18.10 -9.45
N GLN D 69 -4.88 -19.16 -8.80
CA GLN D 69 -5.79 -20.22 -8.39
C GLN D 69 -5.31 -20.89 -7.12
N GLU D 70 -4.17 -20.44 -6.59
CA GLU D 70 -3.52 -21.11 -5.48
C GLU D 70 -3.17 -20.19 -4.33
N LEU D 71 -2.76 -18.95 -4.62
CA LEU D 71 -2.50 -17.99 -3.55
C LEU D 71 -3.76 -17.69 -2.75
N ILE D 72 -4.93 -17.83 -3.38
CA ILE D 72 -6.20 -17.56 -2.70
C ILE D 72 -6.56 -18.75 -1.83
N ARG D 73 -5.78 -19.83 -1.93
CA ARG D 73 -6.07 -21.06 -1.20
C ARG D 73 -4.99 -21.35 -0.15
N GLN D 74 -3.71 -21.42 -0.55
CA GLN D 74 -2.66 -21.72 0.42
C GLN D 74 -2.37 -20.52 1.31
N GLY D 75 -2.33 -19.33 0.72
CA GLY D 75 -2.09 -18.12 1.50
C GLY D 75 -0.60 -17.84 1.63
N THR D 76 -0.16 -17.50 2.85
CA THR D 76 1.25 -17.26 3.09
C THR D 76 2.04 -18.57 3.04
N ASP D 77 1.33 -19.69 2.97
CA ASP D 77 1.96 -20.99 2.80
C ASP D 77 2.27 -21.29 1.34
N TYR D 78 1.93 -20.37 0.44
CA TYR D 78 2.30 -20.50 -0.97
C TYR D 78 3.82 -20.66 -1.08
N LYS D 79 4.26 -21.66 -1.84
CA LYS D 79 5.67 -22.02 -1.85
C LYS D 79 6.53 -20.93 -2.47
N HIS D 80 5.94 -19.97 -3.18
CA HIS D 80 6.67 -18.84 -3.73
C HIS D 80 6.19 -17.52 -3.15
N TRP D 81 5.94 -17.49 -1.84
CA TRP D 81 5.45 -16.30 -1.18
C TRP D 81 6.52 -15.24 -0.94
N PRO D 82 7.70 -15.59 -0.37
CA PRO D 82 8.67 -14.54 -0.03
C PRO D 82 9.11 -13.67 -1.20
N GLN D 83 9.27 -14.29 -2.38
CA GLN D 83 9.70 -13.53 -3.54
C GLN D 83 8.64 -12.54 -4.00
N ILE D 84 7.38 -12.76 -3.66
CA ILE D 84 6.34 -11.79 -3.96
C ILE D 84 6.20 -10.77 -2.83
N ALA D 85 6.31 -11.24 -1.58
CA ALA D 85 6.16 -10.37 -0.42
C ALA D 85 7.33 -9.43 -0.21
N GLN D 86 8.45 -9.64 -0.92
CA GLN D 86 9.50 -8.65 -0.85
C GLN D 86 9.10 -7.31 -1.46
N PHE D 87 7.99 -7.26 -2.19
CA PHE D 87 7.43 -6.00 -2.68
C PHE D 87 6.40 -5.41 -1.73
N ALA D 88 6.20 -6.03 -0.58
CA ALA D 88 5.21 -5.51 0.35
C ALA D 88 5.77 -4.32 1.12
N PRO D 89 5.14 -3.15 1.03
CA PRO D 89 5.65 -1.97 1.72
C PRO D 89 5.62 -2.14 3.22
N SER D 90 6.60 -1.54 3.89
CA SER D 90 6.67 -1.57 5.34
C SER D 90 5.74 -0.50 5.92
N ALA D 91 5.80 -0.35 7.25
CA ALA D 91 4.94 0.63 7.92
C ALA D 91 5.26 2.04 7.46
N SER D 92 6.54 2.38 7.37
CA SER D 92 6.94 3.73 6.99
C SER D 92 6.99 3.94 5.49
N ALA D 93 6.88 2.89 4.69
CA ALA D 93 6.93 3.04 3.23
C ALA D 93 5.56 3.37 2.67
N PHE D 94 4.52 2.74 3.21
CA PHE D 94 3.17 2.98 2.73
C PHE D 94 2.75 4.43 2.93
N PHE D 95 3.09 5.01 4.08
CA PHE D 95 2.80 6.40 4.38
C PHE D 95 3.97 7.30 4.04
N GLY D 96 4.88 6.82 3.18
CA GLY D 96 6.03 7.60 2.78
C GLY D 96 6.19 7.65 1.28
N MET D 97 5.42 6.84 0.57
CA MET D 97 5.47 6.82 -0.88
C MET D 97 4.12 6.97 -1.57
N SER D 98 3.02 6.62 -0.91
CA SER D 98 1.73 6.63 -1.58
C SER D 98 1.12 8.03 -1.57
N ARG D 99 0.34 8.31 -2.61
CA ARG D 99 -0.40 9.56 -2.74
C ARG D 99 -1.70 9.42 -1.96
N ILE D 100 -1.60 9.57 -0.64
CA ILE D 100 -2.75 9.36 0.22
C ILE D 100 -3.78 10.47 0.02
N GLY D 101 -5.04 10.09 0.02
CA GLY D 101 -6.14 11.04 -0.02
C GLY D 101 -7.30 10.58 0.84
N MET D 102 -8.22 11.48 1.19
CA MET D 102 -9.36 11.14 2.03
C MET D 102 -10.64 11.52 1.30
N GLU D 103 -11.53 10.55 1.14
CA GLU D 103 -12.80 10.75 0.45
C GLU D 103 -13.95 10.52 1.43
N VAL D 104 -14.91 11.44 1.44
CA VAL D 104 -16.03 11.41 2.35
C VAL D 104 -17.32 11.27 1.55
N THR D 105 -18.07 10.22 1.84
CA THR D 105 -19.35 9.97 1.19
C THR D 105 -20.39 9.75 2.27
N PRO D 106 -21.69 9.73 1.95
CA PRO D 106 -22.69 9.33 2.96
C PRO D 106 -22.47 7.92 3.49
N SER D 107 -21.73 7.07 2.76
CA SER D 107 -21.34 5.78 3.28
C SER D 107 -20.31 5.88 4.40
N GLY D 108 -19.50 6.91 4.41
CA GLY D 108 -18.53 7.12 5.47
C GLY D 108 -17.23 7.67 4.92
N THR D 109 -16.13 7.33 5.59
CA THR D 109 -14.81 7.79 5.22
C THR D 109 -14.05 6.70 4.46
N TRP D 110 -13.13 7.14 3.61
CA TRP D 110 -12.29 6.20 2.87
C TRP D 110 -10.91 6.82 2.69
N LEU D 111 -9.87 6.03 2.98
CA LEU D 111 -8.51 6.43 2.67
C LEU D 111 -8.09 5.84 1.34
N THR D 112 -7.73 6.69 0.39
CA THR D 112 -7.39 6.28 -0.96
C THR D 112 -5.87 6.29 -1.10
N TYR D 113 -5.33 5.18 -1.60
CA TYR D 113 -3.88 4.99 -1.71
C TYR D 113 -3.53 4.62 -3.14
N THR D 114 -2.91 5.54 -3.86
CA THR D 114 -2.25 5.23 -5.12
C THR D 114 -0.75 5.16 -4.88
N GLY D 115 -0.08 4.31 -5.64
CA GLY D 115 1.34 4.11 -5.42
C GLY D 115 2.02 3.57 -6.66
N ALA D 116 3.35 3.53 -6.59
CA ALA D 116 4.17 3.04 -7.70
C ALA D 116 5.52 2.65 -7.16
N ILE D 117 5.85 1.37 -7.24
CA ILE D 117 7.13 0.84 -6.80
C ILE D 117 7.87 0.30 -8.01
N LYS D 118 9.08 0.79 -8.24
CA LYS D 118 9.88 0.39 -9.39
C LYS D 118 10.64 -0.89 -9.11
N LEU D 119 10.63 -1.80 -10.07
CA LEU D 119 11.40 -3.03 -9.99
C LEU D 119 12.70 -2.87 -10.76
N ASP D 120 13.81 -3.24 -10.12
CA ASP D 120 15.13 -3.08 -10.72
C ASP D 120 15.27 -4.03 -11.92
N ASP D 121 16.35 -3.88 -12.69
CA ASP D 121 16.56 -4.69 -13.88
C ASP D 121 17.94 -5.33 -13.94
N LYS D 122 18.74 -5.20 -12.89
CA LYS D 122 20.10 -5.74 -12.87
C LYS D 122 20.19 -7.04 -12.06
N ASP D 123 19.48 -7.12 -10.93
CA ASP D 123 19.51 -8.31 -10.10
C ASP D 123 18.95 -9.48 -10.90
N PRO D 124 19.56 -10.66 -10.80
CA PRO D 124 19.05 -11.82 -11.55
C PRO D 124 17.61 -12.16 -11.24
N ASN D 125 17.20 -12.03 -9.98
CA ASN D 125 15.83 -12.35 -9.58
C ASN D 125 14.81 -11.54 -10.33
N PHE D 126 15.20 -10.53 -11.12
CA PHE D 126 14.27 -9.89 -12.02
C PHE D 126 13.55 -10.93 -12.87
N LYS D 127 14.31 -11.83 -13.50
CA LYS D 127 13.66 -12.89 -14.26
C LYS D 127 13.19 -14.00 -13.36
N ASP D 128 12.58 -13.63 -12.23
CA ASP D 128 11.85 -14.52 -11.35
C ASP D 128 10.59 -13.80 -10.91
N GLN D 129 10.60 -12.47 -10.99
CA GLN D 129 9.52 -11.67 -10.44
C GLN D 129 8.48 -11.27 -11.47
N VAL D 130 8.89 -10.99 -12.70
CA VAL D 130 7.94 -10.67 -13.75
C VAL D 130 7.05 -11.85 -14.06
N ILE D 131 7.60 -13.07 -14.02
CA ILE D 131 6.80 -14.26 -14.26
C ILE D 131 5.72 -14.41 -13.20
N LEU D 132 6.10 -14.32 -11.93
CA LEU D 132 5.12 -14.51 -10.86
C LEU D 132 4.07 -13.42 -10.87
N LEU D 133 4.47 -12.16 -11.02
CA LEU D 133 3.52 -11.06 -10.93
C LEU D 133 2.51 -11.07 -12.07
N ASN D 134 2.93 -11.38 -13.29
CA ASN D 134 2.00 -11.47 -14.39
C ASN D 134 1.02 -12.63 -14.27
N LYS D 135 1.46 -13.77 -13.73
CA LYS D 135 0.61 -14.93 -13.60
C LYS D 135 -0.26 -14.89 -12.36
N HIS D 136 -0.40 -13.72 -11.72
CA HIS D 136 -1.35 -13.55 -10.63
C HIS D 136 -2.21 -12.29 -10.75
N ILE D 137 -1.78 -11.26 -11.48
CA ILE D 137 -2.58 -10.04 -11.59
C ILE D 137 -3.73 -10.26 -12.57
N ASP D 138 -4.89 -9.72 -12.21
CA ASP D 138 -6.09 -9.79 -13.04
C ASP D 138 -6.39 -11.22 -13.45
N ALA D 139 -6.30 -12.16 -12.50
CA ALA D 139 -6.50 -13.57 -12.78
C ALA D 139 -7.92 -14.02 -12.44
N TYR D 140 -8.79 -13.12 -11.99
CA TYR D 140 -10.16 -13.48 -11.69
C TYR D 140 -10.99 -13.70 -12.95
N LYS D 141 -10.49 -13.26 -14.11
CA LYS D 141 -11.16 -13.49 -15.39
C LYS D 141 -10.91 -14.89 -15.92
N THR D 142 -10.01 -15.65 -15.30
CA THR D 142 -9.62 -16.96 -15.80
C THR D 142 -10.31 -18.10 -15.08
N PHE D 143 -11.00 -17.82 -13.98
CA PHE D 143 -11.77 -18.83 -13.26
C PHE D 143 -12.94 -19.29 -14.12
N PRO D 144 -13.38 -20.54 -14.00
CA PRO D 144 -14.51 -21.04 -14.79
C PRO D 144 -15.84 -20.50 -14.29
N GLN E 1 -16.03 10.78 33.01
CA GLN E 1 -15.66 11.32 31.70
C GLN E 1 -14.27 11.95 31.74
N VAL E 2 -14.10 13.05 31.02
CA VAL E 2 -12.84 13.78 30.97
C VAL E 2 -13.08 15.16 31.59
N GLN E 3 -12.35 15.46 32.66
CA GLN E 3 -12.46 16.73 33.35
C GLN E 3 -11.06 17.23 33.67
N LEU E 4 -10.85 18.53 33.54
CA LEU E 4 -9.57 19.17 33.86
C LEU E 4 -9.85 20.31 34.85
N GLN E 5 -9.66 20.03 36.13
CA GLN E 5 -9.93 21.00 37.17
C GLN E 5 -8.80 22.03 37.24
N GLN E 6 -9.18 23.30 37.34
CA GLN E 6 -8.24 24.40 37.46
C GLN E 6 -8.48 25.16 38.76
N SER E 7 -7.44 25.87 39.20
CA SER E 7 -7.52 26.58 40.46
C SER E 7 -8.50 27.75 40.35
N GLY E 8 -8.71 28.44 41.47
CA GLY E 8 -9.66 29.51 41.55
C GLY E 8 -9.08 30.86 41.17
N PRO E 9 -9.79 31.92 41.51
CA PRO E 9 -9.29 33.27 41.19
C PRO E 9 -8.04 33.61 42.00
N GLU E 10 -7.26 34.52 41.45
CA GLU E 10 -5.99 34.91 42.06
C GLU E 10 -5.76 36.39 41.86
N LEU E 11 -5.73 37.14 42.96
CA LEU E 11 -5.42 38.57 42.95
C LEU E 11 -3.99 38.76 43.42
N VAL E 12 -3.14 39.31 42.55
CA VAL E 12 -1.73 39.46 42.84
C VAL E 12 -1.30 40.89 42.55
N LYS E 13 -0.25 41.32 43.24
CA LYS E 13 0.43 42.58 43.11
C LYS E 13 1.34 42.57 41.87
N PRO E 14 1.59 43.72 41.27
CA PRO E 14 2.39 43.75 40.04
C PRO E 14 3.78 43.13 40.20
N GLY E 15 4.23 42.40 39.19
CA GLY E 15 5.55 41.83 39.20
C GLY E 15 5.68 40.55 40.00
N THR E 16 4.86 40.40 41.03
CA THR E 16 4.96 39.23 41.90
C THR E 16 4.60 37.96 41.15
N LEU E 17 5.50 36.99 41.14
CA LEU E 17 5.35 35.80 40.32
C LEU E 17 4.07 35.05 40.67
N VAL E 18 3.43 34.49 39.65
CA VAL E 18 2.19 33.77 39.80
C VAL E 18 2.40 32.31 39.45
N LYS E 19 1.37 31.50 39.70
CA LYS E 19 1.43 30.06 39.43
C LYS E 19 -0.01 29.57 39.27
N ILE E 20 -0.36 29.10 38.07
CA ILE E 20 -1.70 28.63 37.77
C ILE E 20 -1.63 27.13 37.46
N SER E 21 -2.36 26.33 38.22
CA SER E 21 -2.26 24.88 38.14
C SER E 21 -3.57 24.27 37.63
N CYS E 22 -3.44 23.16 36.90
CA CYS E 22 -4.59 22.41 36.40
C CYS E 22 -4.29 20.93 36.53
N LYS E 23 -5.15 20.20 37.22
CA LYS E 23 -4.98 18.76 37.43
C LYS E 23 -5.86 18.00 36.46
N ALA E 24 -5.27 17.00 35.80
CA ALA E 24 -5.96 16.17 34.84
C ALA E 24 -6.34 14.83 35.47
N SER E 25 -7.38 14.21 34.92
CA SER E 25 -7.86 12.92 35.41
C SER E 25 -8.80 12.34 34.37
N GLY E 26 -9.12 11.06 34.56
CA GLY E 26 -10.09 10.39 33.70
C GLY E 26 -9.56 9.98 32.34
N TYR E 27 -8.27 10.18 32.07
CA TYR E 27 -7.71 9.79 30.79
C TYR E 27 -6.22 9.54 30.98
N THR E 28 -5.65 8.74 30.08
CA THR E 28 -4.23 8.46 30.14
C THR E 28 -3.44 9.76 29.98
N PHE E 29 -2.70 10.13 31.02
CA PHE E 29 -2.06 11.44 31.06
C PHE E 29 -1.04 11.59 29.93
N THR E 30 -0.22 10.57 29.70
CA THR E 30 0.84 10.65 28.70
C THR E 30 0.35 10.09 27.36
N SER E 31 -0.83 10.54 26.96
CA SER E 31 -1.42 10.10 25.70
C SER E 31 -1.97 11.27 24.91
N TYR E 32 -2.08 12.42 25.56
CA TYR E 32 -2.63 13.62 24.95
C TYR E 32 -1.87 14.84 25.46
N ASP E 33 -2.03 15.95 24.75
CA ASP E 33 -1.22 17.15 24.97
C ASP E 33 -2.07 18.22 25.64
N ILE E 34 -1.47 18.96 26.58
CA ILE E 34 -2.19 19.98 27.32
C ILE E 34 -1.70 21.35 26.84
N ASN E 35 -2.64 22.21 26.44
CA ASN E 35 -2.31 23.55 25.97
C ASN E 35 -2.99 24.61 26.82
N TRP E 36 -2.54 25.85 26.66
CA TRP E 36 -3.07 26.99 27.38
C TRP E 36 -3.49 28.08 26.40
N VAL E 37 -4.36 28.97 26.85
CA VAL E 37 -4.80 30.11 26.05
C VAL E 37 -5.23 31.22 27.00
N LYS E 38 -5.16 32.46 26.53
CA LYS E 38 -5.55 33.62 27.34
C LYS E 38 -6.69 34.36 26.64
N GLN E 39 -7.45 35.11 27.44
CA GLN E 39 -8.60 35.84 26.90
C GLN E 39 -8.76 37.16 27.67
N ARG E 40 -8.26 38.25 27.09
CA ARG E 40 -8.50 39.55 27.67
C ARG E 40 -9.97 39.92 27.57
N PRO E 41 -10.51 40.61 28.57
CA PRO E 41 -11.94 40.98 28.53
C PRO E 41 -12.23 41.88 27.34
N GLY E 42 -13.08 41.40 26.45
CA GLY E 42 -13.45 42.15 25.27
C GLY E 42 -12.70 41.71 24.03
N GLN E 43 -11.41 41.44 24.19
CA GLN E 43 -10.60 41.01 23.06
C GLN E 43 -10.82 39.52 22.79
N GLY E 44 -10.18 39.03 21.72
CA GLY E 44 -10.30 37.64 21.34
C GLY E 44 -9.23 36.76 21.94
N LEU E 45 -9.37 35.46 21.71
CA LEU E 45 -8.40 34.50 22.20
C LEU E 45 -7.09 34.59 21.43
N GLU E 46 -6.02 34.10 22.05
CA GLU E 46 -4.73 34.04 21.39
C GLU E 46 -3.88 32.96 22.05
N TRP E 47 -3.14 32.24 21.21
CA TRP E 47 -2.42 31.05 21.64
C TRP E 47 -1.27 31.40 22.58
N ILE E 48 -0.91 30.44 23.43
CA ILE E 48 0.20 30.60 24.36
C ILE E 48 1.20 29.48 24.14
N GLY E 49 0.75 28.24 24.22
CA GLY E 49 1.61 27.10 24.02
C GLY E 49 0.93 25.83 24.47
N TRP E 50 1.65 24.73 24.30
CA TRP E 50 1.23 23.44 24.82
C TRP E 50 2.41 22.74 25.47
N ILE E 51 2.10 21.76 26.31
CA ILE E 51 3.11 20.90 26.92
C ILE E 51 2.60 19.46 26.87
N TYR E 52 3.47 18.54 26.49
CA TYR E 52 3.21 17.11 26.41
C TYR E 52 3.96 16.38 27.50
N PRO E 53 3.28 15.70 28.42
CA PRO E 53 3.99 15.11 29.56
C PRO E 53 4.73 13.83 29.20
N GLY E 54 5.46 13.87 28.09
CA GLY E 54 6.32 12.79 27.68
C GLY E 54 7.77 13.20 27.72
N ASP E 55 8.31 13.57 26.55
CA ASP E 55 9.66 14.09 26.47
C ASP E 55 9.78 15.50 27.03
N GLY E 56 8.71 16.07 27.57
CA GLY E 56 8.76 17.44 28.06
C GLY E 56 8.82 18.49 26.98
N SER E 57 8.40 18.15 25.76
CA SER E 57 8.41 19.12 24.67
C SER E 57 7.45 20.26 24.98
N THR E 58 7.88 21.47 24.62
CA THR E 58 7.06 22.67 24.87
C THR E 58 7.42 23.71 23.82
N LYS E 59 6.49 24.02 22.94
CA LYS E 59 6.68 24.99 21.88
C LYS E 59 5.77 26.18 22.13
N TYR E 60 6.34 27.29 22.60
CA TYR E 60 5.61 28.50 22.89
C TYR E 60 5.28 29.23 21.59
N ASN E 61 4.54 30.33 21.72
CA ASN E 61 4.32 31.22 20.60
C ASN E 61 5.35 32.36 20.64
N GLU E 62 5.50 33.07 19.52
CA GLU E 62 6.54 34.08 19.42
C GLU E 62 6.33 35.22 20.42
N LYS E 63 5.08 35.64 20.62
CA LYS E 63 4.82 36.80 21.47
C LYS E 63 5.19 36.52 22.91
N PHE E 64 4.88 35.33 23.42
CA PHE E 64 5.01 35.04 24.85
C PHE E 64 6.24 34.20 25.18
N LYS E 65 7.28 34.24 24.35
CA LYS E 65 8.52 33.57 24.72
C LYS E 65 9.14 34.27 25.91
N GLY E 66 9.55 33.46 26.90
CA GLY E 66 10.08 33.99 28.14
C GLY E 66 9.05 34.56 29.09
N LYS E 67 7.88 34.96 28.60
CA LYS E 67 6.84 35.47 29.48
C LYS E 67 6.14 34.35 30.24
N ALA E 68 6.05 33.16 29.65
CA ALA E 68 5.39 32.02 30.27
C ALA E 68 6.37 30.86 30.37
N THR E 69 6.15 30.01 31.38
CA THR E 69 6.99 28.84 31.57
C THR E 69 6.10 27.68 32.03
N LEU E 70 5.75 26.80 31.10
CA LEU E 70 4.92 25.65 31.42
C LEU E 70 5.73 24.55 32.09
N THR E 71 5.06 23.77 32.92
CA THR E 71 5.68 22.61 33.56
C THR E 71 4.70 21.44 33.49
N ALA E 72 5.21 20.27 33.86
CA ALA E 72 4.40 19.05 33.91
C ALA E 72 4.73 18.27 35.17
N ASP E 73 3.76 17.48 35.63
CA ASP E 73 3.93 16.60 36.78
C ASP E 73 3.09 15.36 36.52
N THR E 74 3.75 14.29 36.07
CA THR E 74 3.04 13.04 35.79
C THR E 74 2.69 12.28 37.06
N SER E 75 3.23 12.67 38.21
CA SER E 75 2.89 12.00 39.45
C SER E 75 1.41 12.14 39.79
N SER E 76 0.84 13.32 39.56
CA SER E 76 -0.57 13.56 39.82
C SER E 76 -1.30 14.09 38.60
N SER E 77 -0.70 13.95 37.41
CA SER E 77 -1.30 14.42 36.15
C SER E 77 -1.66 15.89 36.23
N THR E 78 -0.74 16.71 36.73
CA THR E 78 -0.98 18.13 36.94
C THR E 78 0.02 18.95 36.16
N ALA E 79 -0.48 19.93 35.41
CA ALA E 79 0.37 20.86 34.67
C ALA E 79 0.09 22.27 35.14
N TYR E 80 1.14 23.03 35.37
CA TYR E 80 0.97 24.40 35.83
C TYR E 80 1.86 25.34 35.02
N MET E 81 1.60 26.65 35.20
CA MET E 81 2.19 27.69 34.39
C MET E 81 2.63 28.83 35.28
N GLN E 82 3.78 29.41 34.96
CA GLN E 82 4.32 30.57 35.66
C GLN E 82 4.43 31.72 34.67
N LEU E 83 3.84 32.85 35.01
CA LEU E 83 3.90 34.06 34.21
C LEU E 83 4.71 35.12 34.95
N ASN E 84 5.50 35.89 34.20
CA ASN E 84 6.40 36.86 34.81
C ASN E 84 6.36 38.23 34.14
N SER E 85 5.29 38.55 33.40
CA SER E 85 5.20 39.88 32.82
C SER E 85 4.42 40.81 33.74
N LEU E 86 3.13 40.51 33.95
CA LEU E 86 2.30 41.13 34.98
C LEU E 86 2.42 42.66 34.95
N THR E 87 1.99 43.23 33.82
CA THR E 87 2.13 44.66 33.57
C THR E 87 0.78 45.34 33.44
N SER E 88 -0.25 44.75 34.05
CA SER E 88 -1.63 45.27 33.98
C SER E 88 -2.14 45.28 32.54
N GLU E 89 -1.35 44.73 31.62
CA GLU E 89 -1.78 44.53 30.25
C GLU E 89 -2.25 43.10 30.00
N ASN E 90 -1.84 42.16 30.85
CA ASN E 90 -2.30 40.78 30.79
C ASN E 90 -3.34 40.48 31.87
N SER E 91 -4.12 41.49 32.26
CA SER E 91 -5.18 41.32 33.26
C SER E 91 -6.35 40.63 32.55
N ALA E 92 -6.42 39.30 32.68
CA ALA E 92 -7.34 38.54 31.85
C ALA E 92 -7.65 37.22 32.55
N VAL E 93 -8.24 36.28 31.83
CA VAL E 93 -8.47 34.93 32.31
C VAL E 93 -7.71 33.97 31.40
N TYR E 94 -7.44 32.78 31.92
CA TYR E 94 -6.66 31.77 31.22
C TYR E 94 -7.42 30.45 31.23
N PHE E 95 -7.27 29.70 30.14
CA PHE E 95 -7.96 28.43 29.96
C PHE E 95 -6.93 27.36 29.66
N CYS E 96 -7.02 26.25 30.39
CA CYS E 96 -6.12 25.11 30.20
C CYS E 96 -6.91 23.97 29.58
N ALA E 97 -6.65 23.70 28.29
CA ALA E 97 -7.43 22.73 27.54
C ALA E 97 -6.52 21.61 27.03
N ARG E 98 -7.11 20.67 26.31
CA ARG E 98 -6.38 19.55 25.75
C ARG E 98 -6.37 19.65 24.22
N GLY E 99 -5.78 18.66 23.58
CA GLY E 99 -5.72 18.64 22.12
C GLY E 99 -4.80 17.59 21.55
N LEU E 100 -5.10 17.11 20.35
CA LEU E 100 -4.28 16.10 19.70
C LEU E 100 -3.08 16.74 19.02
N VAL E 101 -3.34 17.60 18.03
CA VAL E 101 -2.29 18.39 17.38
C VAL E 101 -2.56 19.87 17.48
N GLY E 102 -3.49 20.29 18.33
CA GLY E 102 -3.84 21.69 18.45
C GLY E 102 -5.34 21.87 18.51
N ALA E 103 -6.07 21.02 17.79
CA ALA E 103 -7.52 21.01 17.87
C ALA E 103 -7.98 20.72 19.30
N MET E 104 -8.57 21.71 19.94
CA MET E 104 -8.95 21.56 21.34
C MET E 104 -10.21 20.71 21.46
N ASP E 105 -10.12 19.65 22.27
CA ASP E 105 -11.21 18.70 22.41
C ASP E 105 -12.13 19.07 23.57
N TYR E 106 -11.57 19.16 24.77
CA TYR E 106 -12.31 19.55 25.95
C TYR E 106 -11.69 20.81 26.56
N TRP E 107 -12.28 21.29 27.64
CA TRP E 107 -11.83 22.51 28.28
C TRP E 107 -11.95 22.36 29.78
N GLY E 108 -11.80 23.48 30.49
CA GLY E 108 -11.97 23.49 31.93
C GLY E 108 -12.46 24.85 32.37
N GLN E 109 -12.86 24.93 33.64
CA GLN E 109 -13.46 26.16 34.15
C GLN E 109 -12.50 27.35 34.04
N GLY E 110 -11.20 27.10 34.00
CA GLY E 110 -10.24 28.17 33.86
C GLY E 110 -10.00 28.89 35.16
N THR E 111 -9.15 29.92 35.09
CA THR E 111 -8.84 30.75 36.24
C THR E 111 -9.06 32.21 35.92
N SER E 112 -8.65 33.10 36.82
CA SER E 112 -8.80 34.53 36.61
C SER E 112 -7.75 35.25 37.43
N VAL E 113 -6.97 36.10 36.77
CA VAL E 113 -5.95 36.88 37.45
C VAL E 113 -6.38 38.34 37.49
N THR E 114 -5.75 39.11 38.38
CA THR E 114 -6.04 40.53 38.48
C THR E 114 -4.83 41.20 39.12
N VAL E 115 -4.31 42.23 38.46
CA VAL E 115 -3.07 42.87 38.90
C VAL E 115 -3.32 43.77 40.11
N ASP F 1 3.18 34.60 9.77
CA ASP F 1 2.15 34.18 10.70
C ASP F 1 0.77 34.33 10.06
N ILE F 2 0.03 33.23 10.00
CA ILE F 2 -1.28 33.23 9.35
C ILE F 2 -2.26 34.06 10.18
N VAL F 3 -3.09 34.84 9.50
CA VAL F 3 -4.11 35.65 10.15
C VAL F 3 -5.47 35.20 9.65
N MET F 4 -6.37 34.92 10.59
CA MET F 4 -7.74 34.48 10.29
C MET F 4 -8.68 35.60 10.70
N THR F 5 -9.47 36.09 9.74
CA THR F 5 -10.30 37.27 9.93
C THR F 5 -11.77 36.92 9.70
N GLN F 6 -12.65 37.53 10.49
CA GLN F 6 -14.08 37.36 10.38
C GLN F 6 -14.74 38.70 10.03
N SER F 7 -16.06 38.71 10.02
CA SER F 7 -16.83 39.94 9.86
C SER F 7 -18.09 39.79 10.69
N GLN F 8 -18.91 40.85 10.69
CA GLN F 8 -20.19 40.85 11.40
C GLN F 8 -19.99 40.56 12.89
N LYS F 9 -19.32 41.48 13.57
CA LYS F 9 -19.07 41.34 15.00
C LYS F 9 -20.35 41.11 15.79
N PHE F 10 -21.47 41.66 15.34
CA PHE F 10 -22.78 41.40 15.93
C PHE F 10 -23.70 40.92 14.82
N MET F 11 -24.35 39.77 15.05
CA MET F 11 -25.24 39.19 14.04
C MET F 11 -26.39 38.50 14.78
N SER F 12 -27.51 39.22 14.92
CA SER F 12 -28.71 38.64 15.50
C SER F 12 -29.48 37.86 14.43
N THR F 13 -30.49 37.13 14.88
CA THR F 13 -31.28 36.30 13.99
C THR F 13 -32.61 35.98 14.66
N SER F 14 -33.36 35.06 14.08
CA SER F 14 -34.63 34.61 14.62
C SER F 14 -34.52 33.17 15.09
N VAL F 15 -35.53 32.72 15.82
CA VAL F 15 -35.55 31.34 16.31
C VAL F 15 -35.97 30.40 15.19
N GLY F 16 -35.37 29.22 15.14
CA GLY F 16 -35.74 28.21 14.17
C GLY F 16 -35.57 28.63 12.72
N ASP F 17 -34.44 29.25 12.40
CA ASP F 17 -34.15 29.67 11.02
C ASP F 17 -32.80 29.11 10.60
N ARG F 18 -32.32 29.56 9.44
CA ARG F 18 -31.04 29.13 8.89
C ARG F 18 -30.09 30.32 8.92
N VAL F 19 -29.07 30.24 9.76
CA VAL F 19 -28.03 31.26 9.86
C VAL F 19 -26.67 30.61 9.62
N SER F 20 -25.83 31.33 8.88
CA SER F 20 -24.49 30.83 8.56
C SER F 20 -23.51 31.98 8.65
N VAL F 21 -22.32 31.72 9.19
CA VAL F 21 -21.27 32.73 9.30
C VAL F 21 -20.13 32.35 8.36
N THR F 22 -19.15 33.24 8.23
CA THR F 22 -18.04 33.04 7.31
C THR F 22 -16.74 33.34 8.05
N CYS F 23 -15.64 32.77 7.54
CA CYS F 23 -14.34 32.96 8.18
C CYS F 23 -13.22 32.77 7.15
N LYS F 24 -12.66 33.87 6.66
CA LYS F 24 -11.66 33.80 5.61
C LYS F 24 -10.25 33.80 6.19
N ALA F 25 -9.40 32.97 5.59
CA ALA F 25 -8.02 32.81 6.01
C ALA F 25 -7.09 33.46 4.98
N SER F 26 -6.01 34.06 5.47
CA SER F 26 -5.07 34.74 4.59
C SER F 26 -4.24 33.75 3.80
N GLN F 27 -3.47 32.92 4.48
CA GLN F 27 -2.69 31.89 3.80
C GLN F 27 -3.47 30.59 3.74
N ASN F 28 -3.21 29.82 2.68
CA ASN F 28 -3.92 28.55 2.50
C ASN F 28 -3.66 27.62 3.68
N VAL F 29 -4.74 27.08 4.23
CA VAL F 29 -4.66 26.24 5.43
C VAL F 29 -5.36 24.91 5.18
N LEU F 30 -5.36 24.45 3.93
CA LEU F 30 -5.93 23.16 3.57
C LEU F 30 -7.36 23.01 4.10
N ASN F 31 -7.58 22.01 4.95
CA ASN F 31 -8.90 21.78 5.52
C ASN F 31 -8.84 21.58 7.04
N ASN F 32 -7.79 22.07 7.70
CA ASN F 32 -7.63 21.87 9.13
C ASN F 32 -7.97 23.16 9.87
N VAL F 33 -9.27 23.35 10.12
CA VAL F 33 -9.76 24.41 10.98
C VAL F 33 -10.81 23.81 11.90
N ALA F 34 -11.09 24.50 13.00
CA ALA F 34 -12.05 23.99 13.97
C ALA F 34 -12.92 25.13 14.47
N TRP F 35 -14.20 24.84 14.67
CA TRP F 35 -15.18 25.81 15.14
C TRP F 35 -15.59 25.49 16.58
N TYR F 36 -15.65 26.55 17.39
CA TYR F 36 -15.92 26.43 18.82
C TYR F 36 -17.03 27.39 19.23
N GLN F 37 -17.76 27.00 20.27
CA GLN F 37 -18.84 27.80 20.85
C GLN F 37 -18.50 28.11 22.30
N GLN F 38 -18.94 29.28 22.78
CA GLN F 38 -18.77 29.64 24.18
C GLN F 38 -19.96 30.50 24.60
N LYS F 39 -20.75 30.00 25.55
CA LYS F 39 -21.80 30.80 26.14
C LYS F 39 -21.20 31.81 27.11
N PRO F 40 -21.89 32.93 27.38
CA PRO F 40 -21.31 33.95 28.26
C PRO F 40 -20.93 33.42 29.63
N GLY F 41 -19.75 33.83 30.11
CA GLY F 41 -19.32 33.48 31.46
C GLY F 41 -19.13 32.00 31.67
N GLN F 42 -18.76 31.25 30.64
CA GLN F 42 -18.50 29.82 30.75
C GLN F 42 -17.30 29.46 29.89
N SER F 43 -16.83 28.24 30.05
CA SER F 43 -15.70 27.81 29.24
C SER F 43 -16.15 27.42 27.84
N PRO F 44 -15.27 27.54 26.85
CA PRO F 44 -15.63 27.10 25.50
C PRO F 44 -15.88 25.60 25.44
N LYS F 45 -16.73 25.21 24.50
CA LYS F 45 -16.97 23.80 24.19
C LYS F 45 -16.76 23.58 22.70
N ALA F 46 -16.13 22.47 22.35
CA ALA F 46 -15.76 22.21 20.97
C ALA F 46 -16.98 21.83 20.15
N LEU F 47 -17.19 22.52 19.03
CA LEU F 47 -18.31 22.22 18.15
C LEU F 47 -17.93 21.29 17.01
N ILE F 48 -17.01 21.72 16.17
CA ILE F 48 -16.71 21.03 14.92
C ILE F 48 -15.20 20.97 14.71
N TYR F 49 -14.71 19.79 14.34
CA TYR F 49 -13.31 19.58 14.02
C TYR F 49 -13.17 19.10 12.58
N SER F 50 -12.00 19.36 12.01
CA SER F 50 -11.68 18.98 10.62
C SER F 50 -12.61 19.66 9.63
N ALA F 51 -13.28 20.72 10.06
CA ALA F 51 -14.13 21.59 9.25
C ALA F 51 -15.38 20.89 8.72
N SER F 52 -15.51 19.59 8.91
CA SER F 52 -16.71 18.90 8.45
C SER F 52 -17.33 18.02 9.52
N TYR F 53 -16.51 17.51 10.44
CA TYR F 53 -16.98 16.50 11.37
C TYR F 53 -17.43 17.13 12.68
N ARG F 54 -18.31 16.43 13.39
CA ARG F 54 -18.92 16.93 14.61
C ARG F 54 -18.51 16.07 15.80
N TYR F 55 -18.20 16.72 16.92
CA TYR F 55 -17.84 16.00 18.12
C TYR F 55 -19.06 15.30 18.72
N SER F 56 -18.78 14.31 19.57
CA SER F 56 -19.83 13.62 20.30
C SER F 56 -20.38 14.53 21.39
N GLY F 57 -21.70 14.53 21.54
CA GLY F 57 -22.34 15.43 22.47
C GLY F 57 -22.87 16.66 21.75
N VAL F 58 -22.15 17.10 20.74
CA VAL F 58 -22.59 18.20 19.89
C VAL F 58 -23.81 17.73 19.12
N PRO F 59 -24.92 18.44 19.18
CA PRO F 59 -26.13 18.00 18.47
C PRO F 59 -25.99 18.16 16.96
N ASP F 60 -27.02 17.76 16.23
CA ASP F 60 -27.05 17.94 14.79
C ASP F 60 -27.38 19.39 14.48
N ARG F 61 -27.65 19.70 13.20
CA ARG F 61 -27.99 21.03 12.74
C ARG F 61 -26.79 21.96 12.80
N PHE F 62 -25.65 21.45 13.28
CA PHE F 62 -24.41 22.20 13.30
C PHE F 62 -23.47 21.57 12.26
N THR F 63 -23.42 22.16 11.08
CA THR F 63 -22.63 21.59 9.99
C THR F 63 -21.54 22.56 9.60
N GLY F 64 -20.48 22.03 8.99
CA GLY F 64 -19.39 22.85 8.51
C GLY F 64 -19.02 22.47 7.09
N SER F 65 -18.50 23.47 6.37
CA SER F 65 -18.09 23.24 5.00
C SER F 65 -16.98 24.22 4.66
N GLY F 66 -16.18 23.88 3.66
CA GLY F 66 -15.15 24.75 3.15
C GLY F 66 -13.81 24.06 3.06
N SER F 67 -12.90 24.64 2.27
CA SER F 67 -11.56 24.11 2.11
C SER F 67 -10.67 25.21 1.57
N GLY F 68 -9.50 25.38 2.20
CA GLY F 68 -8.52 26.33 1.72
C GLY F 68 -8.67 27.74 2.26
N THR F 69 -9.67 28.48 1.79
CA THR F 69 -9.76 29.89 2.14
C THR F 69 -11.03 30.23 2.91
N ASP F 70 -12.20 29.89 2.36
CA ASP F 70 -13.47 30.34 2.93
C ASP F 70 -14.12 29.17 3.68
N PHE F 71 -14.05 29.25 5.01
CA PHE F 71 -14.67 28.25 5.85
C PHE F 71 -16.00 28.77 6.39
N THR F 72 -17.02 27.92 6.37
CA THR F 72 -18.37 28.32 6.72
C THR F 72 -18.96 27.34 7.72
N LEU F 73 -19.64 27.89 8.72
CA LEU F 73 -20.38 27.14 9.71
C LEU F 73 -21.87 27.44 9.55
N THR F 74 -22.67 26.40 9.35
CA THR F 74 -24.09 26.55 9.07
C THR F 74 -24.87 25.93 10.22
N ILE F 75 -25.72 26.75 10.85
CA ILE F 75 -26.60 26.25 11.90
C ILE F 75 -28.05 26.36 11.44
N SER F 76 -28.78 25.26 11.59
CA SER F 76 -30.16 25.18 11.17
C SER F 76 -31.08 25.05 12.39
N ASN F 77 -32.27 25.63 12.27
CA ASN F 77 -33.27 25.61 13.34
C ASN F 77 -32.69 26.13 14.64
N VAL F 78 -32.32 27.42 14.65
CA VAL F 78 -31.70 28.02 15.84
C VAL F 78 -32.68 28.01 16.99
N GLN F 79 -32.23 27.51 18.14
CA GLN F 79 -33.06 27.40 19.32
C GLN F 79 -32.59 28.37 20.39
N SER F 80 -33.26 28.32 21.55
CA SER F 80 -32.94 29.25 22.64
C SER F 80 -31.52 29.02 23.16
N GLU F 81 -31.10 27.76 23.27
CA GLU F 81 -29.79 27.47 23.84
C GLU F 81 -28.70 27.65 22.79
N ASP F 82 -28.67 28.80 22.13
CA ASP F 82 -27.65 29.11 21.14
C ASP F 82 -27.05 30.50 21.28
N LEU F 83 -27.61 31.37 22.11
CA LEU F 83 -27.04 32.70 22.34
C LEU F 83 -25.63 32.56 22.88
N ALA F 84 -24.62 32.90 22.07
CA ALA F 84 -23.24 32.68 22.45
C ALA F 84 -22.27 33.42 21.54
N GLU F 85 -20.98 33.12 21.70
CA GLU F 85 -19.92 33.63 20.83
C GLU F 85 -19.24 32.45 20.18
N TYR F 86 -18.99 32.54 18.88
CA TYR F 86 -18.42 31.44 18.12
C TYR F 86 -17.09 31.87 17.51
N PHE F 87 -16.14 30.93 17.49
CA PHE F 87 -14.76 31.18 17.10
C PHE F 87 -14.28 30.10 16.13
N CYS F 88 -13.20 30.39 15.43
CA CYS F 88 -12.58 29.45 14.50
C CYS F 88 -11.07 29.49 14.68
N GLN F 89 -10.44 28.31 14.68
CA GLN F 89 -9.00 28.18 14.88
C GLN F 89 -8.35 27.44 13.72
N GLN F 90 -7.12 27.83 13.40
CA GLN F 90 -6.29 27.22 12.37
C GLN F 90 -5.21 26.37 13.01
N TYR F 91 -4.76 25.35 12.27
CA TYR F 91 -3.82 24.38 12.84
C TYR F 91 -2.74 23.96 11.85
N ASN F 92 -2.47 24.76 10.82
CA ASN F 92 -1.51 24.32 9.82
C ASN F 92 -0.10 24.83 10.13
N SER F 93 0.01 26.10 10.49
CA SER F 93 1.35 26.66 10.80
C SER F 93 1.42 27.32 12.18
N TYR F 94 1.86 26.58 13.19
CA TYR F 94 2.14 27.18 14.49
C TYR F 94 2.83 28.49 14.20
N PRO F 95 2.36 29.66 14.65
CA PRO F 95 1.57 29.78 15.83
C PRO F 95 0.11 29.72 15.41
N LEU F 96 -0.77 29.57 16.39
CA LEU F 96 -2.20 29.29 16.17
C LEU F 96 -2.93 30.60 16.49
N THR F 97 -3.99 30.87 15.75
CA THR F 97 -4.93 31.97 15.87
C THR F 97 -6.28 31.43 16.30
N PHE F 98 -7.12 32.34 16.78
CA PHE F 98 -8.44 31.96 17.28
C PHE F 98 -9.55 32.82 16.69
N GLY F 99 -9.27 33.59 15.64
CA GLY F 99 -10.26 34.50 15.12
C GLY F 99 -10.49 35.66 16.07
N ASP F 100 -11.61 36.34 15.86
CA ASP F 100 -11.95 37.48 16.70
C ASP F 100 -13.18 37.16 17.53
N GLY F 101 -14.27 36.78 16.87
CA GLY F 101 -15.49 36.44 17.59
C GLY F 101 -16.75 36.74 16.79
N THR F 102 -17.71 35.84 16.83
CA THR F 102 -19.00 36.04 16.17
C THR F 102 -20.10 35.84 17.20
N LYS F 103 -20.70 36.94 17.66
CA LYS F 103 -21.81 36.85 18.59
C LYS F 103 -23.09 36.54 17.84
N LEU F 104 -23.85 35.57 18.34
CA LEU F 104 -25.11 35.18 17.73
C LEU F 104 -26.24 35.63 18.65
N GLU F 105 -27.06 36.57 18.17
CA GLU F 105 -28.12 37.13 19.00
C GLU F 105 -29.50 36.92 18.37
N LEU F 106 -30.53 37.50 18.98
CA LEU F 106 -31.89 37.38 18.52
C LEU F 106 -32.43 38.73 18.12
N LYS F 107 -33.53 38.73 17.36
CA LYS F 107 -34.15 39.97 16.92
C LYS F 107 -35.66 39.84 16.89
N GLU G 1 9.79 36.04 0.65
CA GLU G 1 9.58 35.92 2.09
C GLU G 1 10.87 35.50 2.79
N VAL G 2 11.67 34.68 2.12
CA VAL G 2 12.90 34.17 2.69
C VAL G 2 14.10 34.88 2.06
N GLN G 3 15.00 35.37 2.89
CA GLN G 3 16.20 36.06 2.39
C GLN G 3 17.26 36.02 3.48
N LEU G 4 18.40 35.42 3.15
CA LEU G 4 19.52 35.32 4.08
C LEU G 4 20.55 36.40 3.78
N VAL G 5 21.32 36.78 4.80
CA VAL G 5 22.43 37.72 4.60
C VAL G 5 23.53 37.40 5.60
N GLU G 6 24.75 37.29 5.12
CA GLU G 6 25.87 36.89 5.96
C GLU G 6 27.00 37.91 5.86
N SER G 7 27.74 38.05 6.96
CA SER G 7 28.81 39.02 7.05
C SER G 7 29.77 38.58 8.15
N GLY G 8 30.69 39.48 8.50
CA GLY G 8 31.69 39.17 9.51
C GLY G 8 33.05 38.80 8.97
N GLY G 9 33.28 38.97 7.67
CA GLY G 9 34.54 38.59 7.06
C GLY G 9 35.65 39.60 7.28
N GLY G 10 36.60 39.62 6.35
CA GLY G 10 37.75 40.50 6.42
C GLY G 10 39.04 39.73 6.44
N LEU G 11 40.12 40.49 6.30
CA LEU G 11 41.45 39.90 6.33
C LEU G 11 41.73 39.26 7.69
N VAL G 12 42.28 38.05 7.66
CA VAL G 12 42.58 37.30 8.88
C VAL G 12 44.06 36.95 8.86
N GLN G 13 44.76 37.29 9.93
CA GLN G 13 46.18 36.94 10.04
C GLN G 13 46.31 35.43 10.20
N PRO G 14 47.38 34.84 9.66
CA PRO G 14 47.56 33.38 9.80
C PRO G 14 47.57 32.92 11.25
N GLY G 15 46.59 32.12 11.63
CA GLY G 15 46.47 31.62 12.98
C GLY G 15 45.50 32.36 13.87
N GLY G 16 44.78 33.35 13.32
CA GLY G 16 43.83 34.13 14.09
C GLY G 16 42.48 33.47 14.20
N SER G 17 41.49 34.27 14.59
CA SER G 17 40.13 33.79 14.76
C SER G 17 39.16 34.83 14.22
N VAL G 18 38.13 34.37 13.51
CA VAL G 18 37.10 35.24 12.96
C VAL G 18 35.75 34.55 13.13
N LYS G 19 34.73 35.34 13.42
CA LYS G 19 33.40 34.83 13.74
C LYS G 19 32.43 35.35 12.69
N LEU G 20 32.21 34.55 11.64
CA LEU G 20 31.21 34.88 10.64
C LEU G 20 29.80 34.71 11.20
N SER G 21 28.91 35.60 10.78
CA SER G 21 27.53 35.57 11.25
C SER G 21 26.59 35.56 10.05
N CYS G 22 25.46 34.87 10.23
CA CYS G 22 24.43 34.81 9.19
C CYS G 22 23.10 35.16 9.83
N LEU G 23 22.39 36.13 9.25
CA LEU G 23 21.11 36.59 9.74
C LEU G 23 20.01 36.23 8.75
N ALA G 24 18.89 35.77 9.27
CA ALA G 24 17.73 35.38 8.49
C ALA G 24 16.52 36.19 8.93
N SER G 25 15.68 36.55 7.96
CA SER G 25 14.48 37.32 8.24
C SER G 25 13.37 36.87 7.29
N GLY G 26 12.20 36.58 7.86
CA GLY G 26 11.05 36.22 7.07
C GLY G 26 10.57 34.79 7.19
N PHE G 27 11.06 34.03 8.16
CA PHE G 27 10.56 32.69 8.40
C PHE G 27 10.89 32.29 9.82
N THR G 28 10.20 31.27 10.32
CA THR G 28 10.43 30.78 11.69
C THR G 28 11.79 30.11 11.74
N PHE G 29 12.78 30.83 12.27
CA PHE G 29 14.16 30.34 12.23
C PHE G 29 14.38 29.10 13.07
N SER G 30 13.66 28.96 14.20
CA SER G 30 13.85 27.81 15.06
C SER G 30 12.92 26.69 14.61
N ASP G 31 12.95 26.43 13.30
CA ASP G 31 12.17 25.35 12.71
C ASP G 31 13.01 24.55 11.73
N TYR G 32 14.09 25.14 11.24
CA TYR G 32 14.86 24.55 10.16
C TYR G 32 16.35 24.47 10.53
N TYR G 33 17.04 23.54 9.90
CA TYR G 33 18.47 23.36 10.07
C TYR G 33 19.22 24.23 9.07
N MET G 34 20.50 24.50 9.37
CA MET G 34 21.35 25.24 8.45
C MET G 34 22.75 24.66 8.43
N SER G 35 23.46 24.86 7.32
CA SER G 35 24.82 24.38 7.14
C SER G 35 25.65 25.44 6.44
N TRP G 36 26.96 25.20 6.41
CA TRP G 36 27.90 26.10 5.76
C TRP G 36 28.64 25.36 4.65
N VAL G 37 29.00 26.10 3.60
CA VAL G 37 29.72 25.52 2.46
C VAL G 37 30.84 26.47 2.05
N ARG G 38 32.04 25.95 1.86
CA ARG G 38 33.15 26.77 1.39
C ARG G 38 33.10 26.90 -0.13
N GLN G 39 33.97 27.76 -0.66
CA GLN G 39 34.17 27.91 -2.10
C GLN G 39 35.57 28.46 -2.32
N SER G 40 36.41 27.68 -2.98
CA SER G 40 37.78 28.05 -3.26
C SER G 40 38.07 27.79 -4.73
N PRO G 41 39.00 28.53 -5.32
CA PRO G 41 39.29 28.34 -6.76
C PRO G 41 39.75 26.94 -7.11
N GLU G 42 40.51 26.29 -6.23
CA GLU G 42 41.13 25.00 -6.55
C GLU G 42 40.24 23.83 -6.14
N LYS G 43 39.88 23.78 -4.86
CA LYS G 43 39.17 22.62 -4.32
C LYS G 43 37.68 22.69 -4.58
N GLY G 44 37.24 23.69 -5.35
CA GLY G 44 35.82 23.79 -5.63
C GLY G 44 35.02 24.02 -4.37
N LEU G 45 33.99 23.19 -4.19
CA LEU G 45 33.12 23.28 -3.03
C LEU G 45 33.35 22.11 -2.08
N GLU G 46 33.24 22.39 -0.79
CA GLU G 46 33.38 21.37 0.23
C GLU G 46 32.42 21.72 1.36
N TRP G 47 31.96 20.69 2.07
CA TRP G 47 30.99 20.87 3.13
C TRP G 47 31.69 21.17 4.44
N VAL G 48 31.23 22.19 5.15
CA VAL G 48 31.86 22.60 6.40
C VAL G 48 31.23 21.88 7.57
N ALA G 49 29.96 22.16 7.83
CA ALA G 49 29.22 21.52 8.92
C ALA G 49 27.79 22.02 8.90
N GLU G 50 26.91 21.25 9.54
CA GLU G 50 25.51 21.59 9.69
C GLU G 50 25.12 21.53 11.17
N ILE G 51 23.97 22.11 11.49
CA ILE G 51 23.48 22.12 12.86
C ILE G 51 22.01 21.72 12.84
N ARG G 52 21.55 21.15 13.95
CA ARG G 52 20.19 20.64 14.07
C ARG G 52 19.40 21.43 15.11
N LEU G 53 18.10 21.14 15.17
CA LEU G 53 17.18 21.97 15.94
C LEU G 53 17.43 21.85 17.44
N GLU G 54 16.78 22.75 18.19
CA GLU G 54 16.94 22.78 19.63
C GLU G 54 16.40 21.51 20.28
N SER G 55 15.49 20.83 19.61
CA SER G 55 14.87 19.63 20.15
C SER G 55 15.92 18.57 20.46
N ASP G 56 16.87 18.37 19.55
CA ASP G 56 17.93 17.37 19.75
C ASP G 56 19.15 18.01 20.41
N ASN G 57 18.93 18.74 21.49
CA ASN G 57 20.00 19.30 22.33
C ASN G 57 21.07 20.00 21.51
N TYR G 58 20.62 20.73 20.48
CA TYR G 58 21.50 21.42 19.55
C TYR G 58 22.58 20.48 19.01
N ALA G 59 22.13 19.34 18.52
CA ALA G 59 23.07 18.36 17.97
C ALA G 59 23.81 18.93 16.78
N THR G 60 25.11 18.71 16.74
CA THR G 60 25.97 19.21 15.68
C THR G 60 26.64 18.04 14.95
N HIS G 61 27.29 18.34 13.83
CA HIS G 61 28.08 17.38 13.09
C HIS G 61 29.03 18.11 12.14
N TYR G 62 30.33 17.84 12.25
CA TYR G 62 31.34 18.58 11.53
C TYR G 62 32.05 17.69 10.52
N ALA G 63 32.50 18.29 9.43
CA ALA G 63 33.18 17.55 8.38
C ALA G 63 34.54 17.06 8.87
N GLU G 64 35.04 16.01 8.20
CA GLU G 64 36.28 15.38 8.62
C GLU G 64 37.49 16.25 8.30
N SER G 65 37.41 17.04 7.23
CA SER G 65 38.54 17.89 6.87
C SER G 65 38.87 18.87 7.98
N VAL G 66 37.85 19.45 8.61
CA VAL G 66 38.05 20.29 9.77
C VAL G 66 37.16 19.81 10.91
N LYS G 67 37.69 18.92 11.75
CA LYS G 67 36.95 18.47 12.91
C LYS G 67 37.00 19.50 14.03
N GLY G 68 38.20 19.93 14.39
CA GLY G 68 38.41 21.08 15.23
C GLY G 68 38.44 22.35 14.41
N LYS G 69 38.94 23.42 15.04
CA LYS G 69 39.16 24.71 14.40
C LYS G 69 37.86 25.36 13.92
N PHE G 70 36.71 24.74 14.19
CA PHE G 70 35.43 25.29 13.76
C PHE G 70 34.38 24.94 14.80
N THR G 71 33.37 25.80 14.94
CA THR G 71 32.29 25.56 15.88
C THR G 71 31.06 26.33 15.42
N ILE G 72 29.97 25.61 15.18
CA ILE G 72 28.71 26.22 14.77
C ILE G 72 27.83 26.39 16.00
N SER G 73 27.35 27.61 16.23
CA SER G 73 26.42 27.88 17.32
C SER G 73 25.22 28.61 16.75
N ARG G 74 24.07 28.48 17.42
CA ARG G 74 22.84 29.06 16.93
C ARG G 74 22.01 29.58 18.10
N ASP G 75 22.03 30.88 18.31
CA ASP G 75 21.06 31.50 19.21
C ASP G 75 19.70 31.55 18.53
N ASP G 76 18.64 31.34 19.32
CA ASP G 76 17.30 31.28 18.77
C ASP G 76 16.55 32.61 18.85
N SER G 77 16.85 33.45 19.84
CA SER G 77 16.12 34.70 20.00
C SER G 77 16.44 35.67 18.87
N LYS G 78 17.71 36.04 18.75
CA LYS G 78 18.13 37.01 17.74
C LYS G 78 18.12 36.45 16.35
N SER G 79 17.89 35.16 16.20
CA SER G 79 17.78 34.51 14.89
C SER G 79 19.05 34.71 14.08
N ARG G 80 20.17 34.21 14.58
CA ARG G 80 21.43 34.25 13.85
C ARG G 80 22.11 32.89 13.93
N LEU G 81 23.08 32.69 13.05
CA LEU G 81 23.92 31.50 13.04
C LEU G 81 25.37 31.95 13.06
N TYR G 82 26.13 31.51 14.06
CA TYR G 82 27.52 31.90 14.22
C TYR G 82 28.44 30.75 13.84
N LEU G 83 29.49 31.05 13.09
CA LEU G 83 30.49 30.06 12.70
C LEU G 83 31.84 30.52 13.25
N LYS G 84 32.17 30.10 14.46
CA LYS G 84 33.41 30.49 15.09
C LYS G 84 34.57 29.67 14.52
N MET G 85 35.68 30.35 14.25
CA MET G 85 36.86 29.75 13.67
C MET G 85 38.06 29.93 14.57
N ASN G 86 39.03 29.04 14.44
CA ASN G 86 40.27 29.12 15.20
C ASN G 86 41.41 28.57 14.36
N SER G 87 42.57 29.23 14.43
CA SER G 87 43.79 28.77 13.79
C SER G 87 43.58 28.52 12.30
N LEU G 88 43.27 29.60 11.59
CA LEU G 88 43.01 29.54 10.16
C LEU G 88 44.35 29.33 9.44
N ARG G 89 44.60 28.09 9.04
CA ARG G 89 45.79 27.81 8.25
C ARG G 89 45.65 28.37 6.84
N GLY G 90 46.77 28.44 6.14
CA GLY G 90 46.79 29.04 4.82
C GLY G 90 46.18 28.17 3.74
N GLU G 91 44.99 27.64 3.99
CA GLU G 91 44.29 26.82 3.01
C GLU G 91 42.84 27.27 2.87
N ASP G 92 42.30 27.87 3.92
CA ASP G 92 40.90 28.29 3.95
C ASP G 92 40.67 29.68 3.36
N THR G 93 40.98 29.86 2.08
CA THR G 93 40.77 31.14 1.42
C THR G 93 39.62 31.05 0.42
N GLY G 94 38.77 32.07 0.44
CA GLY G 94 37.71 32.16 -0.54
C GLY G 94 36.40 32.57 0.08
N ILE G 95 35.31 32.14 -0.55
CA ILE G 95 33.97 32.54 -0.14
C ILE G 95 33.36 31.49 0.76
N TYR G 96 32.51 31.93 1.70
CA TYR G 96 31.74 31.04 2.55
C TYR G 96 30.27 31.36 2.36
N TYR G 97 29.46 30.33 2.19
CA TYR G 97 28.01 30.46 2.06
C TYR G 97 27.31 29.77 3.21
N CYS G 98 26.17 30.33 3.60
CA CYS G 98 25.29 29.72 4.60
C CYS G 98 24.00 29.31 3.92
N ALA G 99 23.71 28.01 3.92
CA ALA G 99 22.60 27.47 3.14
C ALA G 99 21.74 26.55 3.98
N PHE G 100 20.44 26.53 3.68
CA PHE G 100 19.48 25.69 4.37
C PHE G 100 18.41 25.24 3.39
N ASP G 101 17.70 24.18 3.76
CA ASP G 101 16.65 23.62 2.92
C ASP G 101 15.35 23.52 3.71
N VAL G 102 14.23 23.67 3.00
CA VAL G 102 12.93 23.63 3.63
C VAL G 102 12.55 22.22 4.01
N TYR G 103 12.51 21.32 3.02
CA TYR G 103 12.23 19.91 3.30
C TYR G 103 13.45 19.28 3.95
N TYR G 104 13.45 19.23 5.28
CA TYR G 104 14.63 18.83 6.07
C TYR G 104 15.30 17.61 5.45
N GLY G 105 16.57 17.76 5.12
CA GLY G 105 17.30 16.79 4.34
C GLY G 105 18.06 17.50 3.24
N GLY G 106 19.34 17.19 3.07
CA GLY G 106 20.16 18.01 2.20
C GLY G 106 19.68 18.09 0.77
N ALA G 107 19.04 19.21 0.45
CA ALA G 107 18.63 19.54 -0.91
C ALA G 107 18.76 21.04 -1.13
N MET G 108 19.74 21.66 -0.47
CA MET G 108 19.80 23.10 -0.23
C MET G 108 19.32 23.94 -1.41
N ASP G 109 18.33 24.80 -1.17
CA ASP G 109 17.71 25.58 -2.24
C ASP G 109 17.49 27.02 -1.80
N TYR G 110 18.10 27.44 -0.69
CA TYR G 110 18.03 28.81 -0.20
C TYR G 110 19.45 29.22 0.22
N TRP G 111 20.18 29.80 -0.72
CA TRP G 111 21.53 30.23 -0.45
C TRP G 111 21.55 31.72 -0.09
N GLY G 112 22.73 32.23 0.21
CA GLY G 112 22.87 33.62 0.61
C GLY G 112 23.63 34.45 -0.40
N GLN G 113 24.58 35.24 0.07
CA GLN G 113 25.35 36.11 -0.81
C GLN G 113 26.81 35.69 -0.83
N GLY G 114 27.40 35.49 0.35
CA GLY G 114 28.78 35.06 0.43
C GLY G 114 29.64 35.97 1.30
N THR G 115 30.51 35.38 2.11
CA THR G 115 31.43 36.13 2.95
C THR G 115 32.84 35.78 2.55
N THR G 116 33.65 36.79 2.27
CA THR G 116 35.00 36.58 1.74
C THR G 116 35.99 36.54 2.90
N VAL G 117 36.71 35.42 3.02
CA VAL G 117 37.73 35.26 4.05
C VAL G 117 39.05 34.99 3.35
N THR G 118 40.05 35.82 3.63
CA THR G 118 41.39 35.67 3.08
C THR G 118 42.42 35.66 4.20
N VAL G 119 43.42 34.79 4.06
CA VAL G 119 44.44 34.65 5.09
C VAL G 119 45.50 35.72 4.95
N ASP H 2 33.02 6.31 5.42
CA ASP H 2 33.15 7.50 4.57
C ASP H 2 32.92 7.15 3.10
N ILE H 3 32.45 8.14 2.35
CA ILE H 3 32.12 7.96 0.94
C ILE H 3 32.90 8.97 0.12
N GLN H 4 33.59 8.50 -0.92
CA GLN H 4 34.34 9.35 -1.84
C GLN H 4 33.73 9.22 -3.23
N MET H 5 33.50 10.36 -3.87
CA MET H 5 32.85 10.42 -5.17
C MET H 5 33.68 11.24 -6.14
N THR H 6 33.58 10.91 -7.42
CA THR H 6 34.38 11.55 -8.46
C THR H 6 33.54 11.77 -9.71
N GLN H 7 33.62 12.96 -10.28
CA GLN H 7 33.00 13.23 -11.57
C GLN H 7 34.00 12.94 -12.68
N SER H 8 33.58 12.17 -13.67
CA SER H 8 34.52 11.68 -14.67
C SER H 8 35.02 12.81 -15.57
N PRO H 9 34.16 13.53 -16.30
CA PRO H 9 34.68 14.65 -17.10
C PRO H 9 35.01 15.84 -16.21
N SER H 10 35.97 16.63 -16.66
CA SER H 10 36.39 17.81 -15.91
C SER H 10 36.26 19.11 -16.69
N ILE H 11 36.72 19.13 -17.94
CA ILE H 11 36.68 20.33 -18.76
C ILE H 11 35.97 20.05 -20.07
N MET H 12 35.01 19.12 -20.04
CA MET H 12 34.29 18.72 -21.24
C MET H 12 33.72 19.92 -21.97
N SER H 13 33.94 19.96 -23.28
CA SER H 13 33.45 21.02 -24.14
C SER H 13 32.11 20.64 -24.74
N ALA H 14 31.53 21.56 -25.50
CA ALA H 14 30.21 21.32 -26.08
C ALA H 14 30.03 22.18 -27.32
N SER H 15 29.02 21.81 -28.11
CA SER H 15 28.62 22.54 -29.30
C SER H 15 27.12 22.75 -29.26
N PRO H 16 26.61 23.81 -29.90
CA PRO H 16 25.17 24.09 -29.83
C PRO H 16 24.32 22.93 -30.32
N GLY H 17 23.24 22.62 -29.60
CA GLY H 17 22.35 21.54 -29.95
C GLY H 17 22.89 20.16 -29.64
N GLU H 18 24.19 19.99 -29.54
CA GLU H 18 24.77 18.67 -29.28
C GLU H 18 24.44 18.20 -27.87
N LYS H 19 24.18 16.90 -27.74
CA LYS H 19 23.90 16.33 -26.44
C LYS H 19 25.16 16.33 -25.57
N VAL H 20 24.96 16.58 -24.27
CA VAL H 20 26.05 16.62 -23.31
C VAL H 20 25.77 15.62 -22.21
N THR H 21 26.81 14.90 -21.77
CA THR H 21 26.65 13.90 -20.73
C THR H 21 27.72 14.08 -19.67
N MET H 22 27.30 14.12 -18.40
CA MET H 22 28.22 14.23 -17.28
C MET H 22 27.90 13.12 -16.29
N THR H 23 28.90 12.31 -15.96
CA THR H 23 28.71 11.16 -15.10
C THR H 23 29.36 11.38 -13.74
N CYS H 24 28.61 11.12 -12.69
CA CYS H 24 29.09 11.20 -11.31
C CYS H 24 29.12 9.79 -10.73
N SER H 25 30.31 9.32 -10.37
CA SER H 25 30.44 8.04 -9.70
C SER H 25 30.21 8.22 -8.20
N ALA H 26 29.83 7.12 -7.55
CA ALA H 26 29.55 7.18 -6.12
C ALA H 26 29.64 5.78 -5.55
N SER H 27 29.77 5.72 -4.23
CA SER H 27 29.71 4.45 -3.51
C SER H 27 28.26 4.09 -3.24
N SER H 28 28.03 3.07 -2.41
CA SER H 28 26.69 2.63 -2.09
C SER H 28 26.06 3.62 -1.12
N SER H 29 24.84 3.32 -0.66
CA SER H 29 24.12 4.10 0.35
C SER H 29 23.71 5.47 -0.18
N VAL H 30 24.07 5.79 -1.42
CA VAL H 30 23.63 7.04 -2.03
C VAL H 30 22.16 6.90 -2.38
N SER H 31 21.29 7.59 -1.64
CA SER H 31 19.85 7.43 -1.83
C SER H 31 19.37 8.17 -3.08
N TYR H 32 19.57 9.49 -3.11
CA TYR H 32 19.20 10.31 -4.27
C TYR H 32 20.23 11.42 -4.40
N MET H 33 21.13 11.29 -5.37
CA MET H 33 22.17 12.29 -5.60
C MET H 33 21.54 13.52 -6.24
N HIS H 34 21.87 14.69 -5.71
CA HIS H 34 21.36 15.94 -6.27
C HIS H 34 22.43 16.60 -7.14
N TRP H 35 21.98 17.55 -7.97
CA TRP H 35 22.84 18.29 -8.87
C TRP H 35 22.61 19.78 -8.70
N TYR H 36 23.67 20.53 -8.45
CA TYR H 36 23.60 21.98 -8.38
C TYR H 36 24.44 22.60 -9.48
N GLN H 37 24.13 23.85 -9.81
CA GLN H 37 24.84 24.59 -10.84
C GLN H 37 25.27 25.94 -10.28
N GLN H 38 26.52 26.31 -10.54
CA GLN H 38 27.08 27.60 -10.14
C GLN H 38 27.62 28.29 -11.38
N LYS H 39 27.25 29.55 -11.57
CA LYS H 39 27.80 30.38 -12.62
C LYS H 39 28.89 31.29 -12.05
N SER H 40 29.49 32.08 -12.92
CA SER H 40 30.54 32.98 -12.49
C SER H 40 29.98 34.10 -11.63
N SER H 41 30.53 34.26 -10.44
CA SER H 41 30.16 35.33 -9.51
C SER H 41 28.66 35.35 -9.23
N THR H 42 28.13 34.28 -8.66
CA THR H 42 26.72 34.22 -8.29
C THR H 42 26.55 33.15 -7.23
N SER H 43 25.39 33.15 -6.59
CA SER H 43 25.12 32.14 -5.59
C SER H 43 24.76 30.82 -6.26
N PRO H 44 25.17 29.69 -5.71
CA PRO H 44 24.78 28.40 -6.29
C PRO H 44 23.28 28.17 -6.29
N LYS H 45 22.77 27.46 -7.28
CA LYS H 45 21.36 27.16 -7.40
C LYS H 45 21.15 25.66 -7.57
N LEU H 46 19.99 25.19 -7.15
CA LEU H 46 19.63 23.78 -7.30
C LEU H 46 19.01 23.54 -8.66
N TRP H 47 19.42 22.46 -9.33
CA TRP H 47 18.91 22.12 -10.65
C TRP H 47 18.30 20.74 -10.74
N ILE H 48 18.81 19.75 -10.02
CA ILE H 48 18.20 18.43 -10.01
C ILE H 48 18.11 17.93 -8.56
N TYR H 49 16.93 17.48 -8.18
CA TYR H 49 16.73 16.84 -6.88
C TYR H 49 15.99 15.52 -7.06
N ASP H 50 16.33 14.57 -6.19
CA ASP H 50 15.83 13.20 -6.26
C ASP H 50 16.17 12.52 -7.58
N THR H 51 17.25 12.97 -8.21
CA THR H 51 17.86 12.34 -9.39
C THR H 51 16.96 12.36 -10.62
N SER H 52 15.72 12.81 -10.48
CA SER H 52 14.81 12.83 -11.62
C SER H 52 14.14 14.18 -11.79
N GLU H 53 13.79 14.82 -10.68
CA GLU H 53 12.91 15.97 -10.73
C GLU H 53 13.71 17.26 -10.95
N LEU H 54 13.33 17.99 -11.99
CA LEU H 54 13.91 19.31 -12.23
C LEU H 54 13.39 20.29 -11.19
N ALA H 55 14.22 21.28 -10.85
CA ALA H 55 13.87 22.26 -9.85
C ALA H 55 12.94 23.32 -10.43
N SER H 56 12.71 24.39 -9.67
CA SER H 56 11.81 25.47 -10.08
C SER H 56 12.58 26.41 -11.02
N GLY H 57 12.04 26.60 -12.23
CA GLY H 57 12.64 27.46 -13.22
C GLY H 57 13.56 26.74 -14.18
N VAL H 58 13.94 25.50 -13.87
CA VAL H 58 14.83 24.73 -14.72
C VAL H 58 14.12 24.42 -16.03
N PRO H 59 14.71 24.76 -17.17
CA PRO H 59 14.11 24.36 -18.45
C PRO H 59 14.09 22.84 -18.59
N GLY H 60 13.09 22.35 -19.34
CA GLY H 60 12.90 20.92 -19.50
C GLY H 60 13.98 20.22 -20.29
N ARG H 61 15.03 20.95 -20.65
CA ARG H 61 16.12 20.34 -21.42
C ARG H 61 16.82 19.26 -20.61
N PHE H 62 17.06 19.51 -19.33
CA PHE H 62 17.88 18.61 -18.53
C PHE H 62 17.05 17.43 -18.01
N SER H 63 17.75 16.34 -17.73
CA SER H 63 17.15 15.13 -17.17
C SER H 63 18.26 14.28 -16.58
N GLY H 64 17.95 13.62 -15.47
CA GLY H 64 18.91 12.78 -14.78
C GLY H 64 18.63 11.30 -15.00
N SER H 65 19.59 10.49 -14.56
CA SER H 65 19.46 9.05 -14.69
C SER H 65 20.26 8.37 -13.60
N ARG H 66 20.00 7.08 -13.42
CA ARG H 66 20.67 6.28 -12.38
C ARG H 66 21.02 4.91 -12.99
N SER H 67 22.23 4.79 -13.53
CA SER H 67 22.73 3.51 -14.03
C SER H 67 23.50 2.87 -12.88
N GLY H 68 22.81 2.04 -12.10
CA GLY H 68 23.44 1.42 -10.96
C GLY H 68 23.96 2.45 -9.97
N ASN H 69 25.22 2.28 -9.59
CA ASN H 69 25.86 3.21 -8.67
C ASN H 69 26.36 4.47 -9.37
N SER H 70 26.27 4.56 -10.69
CA SER H 70 26.73 5.72 -11.43
C SER H 70 25.54 6.56 -11.85
N TYR H 71 25.56 7.84 -11.49
CA TYR H 71 24.48 8.75 -11.84
C TYR H 71 24.93 9.63 -13.00
N SER H 72 23.96 10.15 -13.74
CA SER H 72 24.30 10.88 -14.94
C SER H 72 23.33 12.03 -15.17
N LEU H 73 23.87 13.15 -15.64
CA LEU H 73 23.10 14.28 -16.11
C LEU H 73 23.25 14.38 -17.63
N THR H 74 22.12 14.47 -18.31
CA THR H 74 22.07 14.45 -19.77
C THR H 74 21.44 15.75 -20.26
N ILE H 75 22.28 16.69 -20.70
CA ILE H 75 21.82 17.92 -21.33
C ILE H 75 21.36 17.55 -22.74
N SER H 76 20.07 17.71 -23.01
CA SER H 76 19.51 17.32 -24.30
C SER H 76 20.18 18.10 -25.43
N SER H 77 20.01 19.41 -25.44
CA SER H 77 20.63 20.28 -26.43
C SER H 77 21.32 21.44 -25.72
N MET H 78 22.52 21.76 -26.19
CA MET H 78 23.31 22.81 -25.56
C MET H 78 22.78 24.18 -25.96
N GLU H 79 22.70 25.09 -25.00
CA GLU H 79 22.25 26.45 -25.22
C GLU H 79 23.27 27.42 -24.64
N ALA H 80 23.19 28.68 -25.06
CA ALA H 80 24.09 29.69 -24.56
C ALA H 80 23.93 29.92 -23.07
N GLU H 81 22.76 29.59 -22.53
CA GLU H 81 22.47 29.83 -21.12
C GLU H 81 22.77 28.59 -20.28
N ASP H 82 23.73 27.78 -20.70
CA ASP H 82 24.09 26.58 -19.97
C ASP H 82 25.57 26.48 -19.65
N VAL H 83 26.38 27.47 -20.00
CA VAL H 83 27.81 27.46 -19.73
C VAL H 83 28.00 27.79 -18.25
N ALA H 84 28.23 26.78 -17.43
CA ALA H 84 28.43 26.97 -16.00
C ALA H 84 29.10 25.72 -15.44
N THR H 85 29.38 25.76 -14.13
CA THR H 85 29.94 24.61 -13.46
C THR H 85 28.82 23.82 -12.79
N TYR H 86 28.87 22.50 -12.92
CA TYR H 86 27.85 21.61 -12.38
C TYR H 86 28.50 20.66 -11.39
N TYR H 87 27.94 20.55 -10.20
CA TYR H 87 28.51 19.70 -9.18
C TYR H 87 27.46 18.81 -8.54
N CYS H 88 27.87 17.57 -8.25
CA CYS H 88 27.02 16.53 -7.68
C CYS H 88 27.11 16.57 -6.16
N PHE H 89 26.04 16.15 -5.49
CA PHE H 89 25.96 16.22 -4.03
C PHE H 89 25.22 15.02 -3.48
N GLN H 90 25.69 14.51 -2.35
CA GLN H 90 25.05 13.40 -1.66
C GLN H 90 24.21 13.95 -0.51
N GLY H 91 23.28 13.14 0.00
CA GLY H 91 22.43 13.61 1.08
C GLY H 91 22.09 12.56 2.12
N SER H 92 22.62 11.34 1.95
CA SER H 92 22.27 10.26 2.86
C SER H 92 23.08 10.31 4.15
N GLY H 93 24.39 10.15 4.04
CA GLY H 93 25.21 10.07 5.23
C GLY H 93 25.52 11.45 5.80
N TYR H 94 25.78 11.49 7.10
CA TYR H 94 26.17 12.76 7.71
C TYR H 94 27.45 13.34 7.13
N PRO H 95 28.52 12.57 6.87
CA PRO H 95 29.68 13.18 6.19
C PRO H 95 29.37 13.49 4.75
N LEU H 96 28.61 14.56 4.52
CA LEU H 96 28.23 14.98 3.18
C LEU H 96 29.47 15.36 2.38
N THR H 97 29.42 15.07 1.08
CA THR H 97 30.56 15.35 0.21
C THR H 97 30.06 15.79 -1.15
N PHE H 98 30.53 16.94 -1.61
CA PHE H 98 30.25 17.40 -2.95
C PHE H 98 31.21 16.73 -3.93
N GLY H 99 30.89 16.83 -5.22
CA GLY H 99 31.73 16.22 -6.24
C GLY H 99 32.98 17.02 -6.52
N GLY H 100 33.45 16.96 -7.76
CA GLY H 100 34.63 17.71 -8.14
C GLY H 100 34.30 18.83 -9.10
N GLY H 101 33.13 18.74 -9.72
CA GLY H 101 32.68 19.78 -10.63
C GLY H 101 33.12 19.55 -12.07
N THR H 102 32.25 19.86 -13.01
CA THR H 102 32.56 19.79 -14.43
C THR H 102 32.26 21.14 -15.06
N LYS H 103 33.27 21.73 -15.71
CA LYS H 103 33.14 23.05 -16.31
C LYS H 103 32.87 22.86 -17.80
N LEU H 104 31.63 23.14 -18.20
CA LEU H 104 31.18 22.91 -19.58
C LEU H 104 31.42 24.16 -20.40
N GLU H 105 32.28 24.05 -21.41
CA GLU H 105 32.58 25.14 -22.32
C GLU H 105 32.08 24.82 -23.73
N LEU H 106 32.23 25.79 -24.62
CA LEU H 106 31.73 25.69 -25.98
C LEU H 106 32.86 25.40 -26.96
N LYS H 107 32.51 25.33 -28.24
CA LYS H 107 33.49 25.09 -29.30
C LYS H 107 33.37 26.12 -30.40
N GLN I 1 27.86 -22.28 -14.20
CA GLN I 1 26.67 -22.09 -15.03
C GLN I 1 25.63 -23.14 -14.70
N VAL I 2 24.35 -22.76 -14.79
CA VAL I 2 23.26 -23.68 -14.48
C VAL I 2 23.17 -24.73 -15.58
N GLN I 3 23.30 -26.00 -15.21
CA GLN I 3 23.20 -27.10 -16.15
C GLN I 3 22.43 -28.23 -15.50
N LEU I 4 21.91 -29.13 -16.33
CA LEU I 4 21.02 -30.20 -15.89
C LEU I 4 21.32 -31.45 -16.72
N GLN I 5 22.04 -32.40 -16.13
CA GLN I 5 22.45 -33.59 -16.86
C GLN I 5 21.34 -34.63 -16.85
N GLN I 6 21.33 -35.47 -17.89
CA GLN I 6 20.34 -36.52 -18.01
C GLN I 6 21.00 -37.78 -18.57
N SER I 7 20.39 -38.92 -18.26
CA SER I 7 20.94 -40.21 -18.64
C SER I 7 20.90 -40.38 -20.16
N GLY I 8 21.49 -41.49 -20.62
CA GLY I 8 21.61 -41.76 -22.03
C GLY I 8 20.43 -42.53 -22.59
N PRO I 9 20.57 -43.01 -23.83
CA PRO I 9 19.45 -43.72 -24.46
C PRO I 9 19.19 -45.06 -23.81
N GLU I 10 17.95 -45.52 -23.92
CA GLU I 10 17.53 -46.79 -23.35
C GLU I 10 16.64 -47.52 -24.35
N LEU I 11 16.94 -48.79 -24.58
CA LEU I 11 16.10 -49.67 -25.40
C LEU I 11 15.53 -50.74 -24.47
N VAL I 12 14.20 -50.82 -24.40
CA VAL I 12 13.54 -51.69 -23.44
C VAL I 12 12.50 -52.53 -24.16
N LYS I 13 12.17 -53.66 -23.55
CA LYS I 13 11.13 -54.58 -23.98
C LYS I 13 9.75 -54.08 -23.53
N PRO I 14 8.69 -54.47 -24.23
CA PRO I 14 7.36 -53.97 -23.89
C PRO I 14 6.97 -54.34 -22.46
N GLY I 15 6.25 -53.44 -21.81
CA GLY I 15 5.72 -53.68 -20.49
C GLY I 15 6.72 -53.46 -19.37
N THR I 16 8.01 -53.51 -19.69
CA THR I 16 9.04 -53.36 -18.68
C THR I 16 9.07 -51.95 -18.12
N LEU I 17 9.24 -51.84 -16.80
CA LEU I 17 9.33 -50.53 -16.16
C LEU I 17 10.60 -49.82 -16.62
N VAL I 18 10.49 -48.51 -16.83
CA VAL I 18 11.58 -47.69 -17.32
C VAL I 18 11.79 -46.54 -16.35
N LYS I 19 13.02 -46.35 -15.90
CA LYS I 19 13.38 -45.28 -14.97
C LYS I 19 14.36 -44.34 -15.66
N ILE I 20 14.04 -43.05 -15.64
CA ILE I 20 14.86 -42.01 -16.28
C ILE I 20 15.37 -41.06 -15.20
N SER I 21 16.65 -40.73 -15.26
CA SER I 21 17.32 -39.94 -14.24
C SER I 21 17.63 -38.55 -14.77
N CYS I 22 17.63 -37.56 -13.88
CA CYS I 22 17.89 -36.17 -14.24
C CYS I 22 18.54 -35.48 -13.06
N LYS I 23 19.83 -35.19 -13.18
CA LYS I 23 20.63 -34.65 -12.08
C LYS I 23 20.84 -33.16 -12.28
N ALA I 24 20.71 -32.39 -11.19
CA ALA I 24 20.87 -30.95 -11.20
C ALA I 24 22.14 -30.56 -10.44
N SER I 25 22.58 -29.33 -10.67
CA SER I 25 23.76 -28.77 -10.02
C SER I 25 23.76 -27.27 -10.25
N GLY I 26 24.56 -26.56 -9.46
CA GLY I 26 24.71 -25.13 -9.62
C GLY I 26 23.42 -24.37 -9.45
N TYR I 27 22.54 -24.86 -8.59
CA TYR I 27 21.24 -24.26 -8.38
C TYR I 27 20.70 -24.74 -7.06
N THR I 28 20.13 -23.83 -6.27
CA THR I 28 19.48 -24.23 -5.03
C THR I 28 18.32 -25.15 -5.35
N PHE I 29 18.44 -26.43 -5.00
CA PHE I 29 17.53 -27.44 -5.51
C PHE I 29 16.10 -27.18 -5.05
N THR I 30 15.94 -26.79 -3.79
CA THR I 30 14.59 -26.52 -3.27
C THR I 30 14.05 -25.18 -3.67
N SER I 31 14.66 -24.47 -4.63
CA SER I 31 14.18 -23.16 -5.04
C SER I 31 13.57 -23.14 -6.44
N TYR I 32 13.24 -24.29 -7.01
CA TYR I 32 12.62 -24.33 -8.33
C TYR I 32 11.82 -25.63 -8.49
N ASP I 33 11.40 -25.94 -9.72
CA ASP I 33 10.63 -27.13 -10.00
C ASP I 33 11.25 -27.88 -11.17
N ILE I 34 11.35 -29.20 -11.05
CA ILE I 34 11.80 -30.05 -12.16
C ILE I 34 10.56 -30.61 -12.84
N ASN I 35 10.38 -30.27 -14.11
CA ASN I 35 9.24 -30.74 -14.87
C ASN I 35 9.69 -31.63 -16.02
N TRP I 36 8.73 -32.31 -16.63
CA TRP I 36 9.01 -33.23 -17.74
C TRP I 36 8.06 -32.96 -18.88
N VAL I 37 8.54 -33.19 -20.11
CA VAL I 37 7.73 -33.09 -21.32
C VAL I 37 8.15 -34.21 -22.26
N LYS I 38 7.25 -34.56 -23.17
CA LYS I 38 7.42 -35.66 -24.11
C LYS I 38 7.35 -35.13 -25.53
N GLN I 39 8.10 -35.75 -26.44
CA GLN I 39 8.14 -35.29 -27.82
C GLN I 39 8.24 -36.50 -28.74
N ARG I 40 7.10 -36.97 -29.24
CA ARG I 40 7.11 -38.02 -30.23
C ARG I 40 7.72 -37.50 -31.53
N PRO I 41 8.43 -38.36 -32.27
CA PRO I 41 9.06 -37.92 -33.52
C PRO I 41 8.02 -37.46 -34.52
N GLY I 42 8.02 -36.16 -34.81
CA GLY I 42 7.08 -35.59 -35.75
C GLY I 42 5.97 -34.82 -35.09
N GLN I 43 5.48 -35.34 -33.96
CA GLN I 43 4.39 -34.69 -33.24
C GLN I 43 4.91 -33.51 -32.43
N GLY I 44 4.00 -32.85 -31.71
CA GLY I 44 4.34 -31.71 -30.90
C GLY I 44 4.56 -32.07 -29.44
N LEU I 45 5.02 -31.07 -28.69
CA LEU I 45 5.28 -31.25 -27.27
C LEU I 45 3.99 -31.38 -26.48
N GLU I 46 4.09 -31.98 -25.30
CA GLU I 46 2.95 -32.11 -24.41
C GLU I 46 3.44 -32.23 -22.97
N TRP I 47 2.65 -31.70 -22.05
CA TRP I 47 3.03 -31.60 -20.66
C TRP I 47 2.89 -32.95 -19.95
N ILE I 48 3.71 -33.14 -18.91
CA ILE I 48 3.66 -34.34 -18.09
C ILE I 48 3.43 -33.96 -16.64
N GLY I 49 4.31 -33.14 -16.10
CA GLY I 49 4.18 -32.68 -14.73
C GLY I 49 5.51 -32.31 -14.13
N TRP I 50 5.44 -31.66 -12.97
CA TRP I 50 6.61 -31.25 -12.22
C TRP I 50 6.58 -31.86 -10.82
N ILE I 51 7.71 -31.74 -10.13
CA ILE I 51 7.83 -32.15 -8.73
C ILE I 51 8.63 -31.08 -7.99
N TYR I 52 8.09 -30.58 -6.89
CA TYR I 52 8.83 -29.68 -6.03
C TYR I 52 9.56 -30.49 -4.97
N PRO I 53 10.89 -30.44 -4.91
CA PRO I 53 11.62 -31.32 -3.98
C PRO I 53 11.29 -31.08 -2.52
N GLY I 54 10.95 -29.85 -2.14
CA GLY I 54 10.69 -29.56 -0.74
C GLY I 54 9.44 -30.24 -0.21
N ASP I 55 8.28 -29.81 -0.71
CA ASP I 55 7.02 -30.38 -0.22
C ASP I 55 6.69 -31.72 -0.85
N GLY I 56 7.37 -32.10 -1.93
CA GLY I 56 7.02 -33.33 -2.61
C GLY I 56 5.75 -33.26 -3.42
N SER I 57 5.21 -32.07 -3.64
CA SER I 57 3.97 -31.94 -4.39
C SER I 57 4.16 -32.38 -5.84
N THR I 58 3.15 -33.06 -6.36
CA THR I 58 3.20 -33.55 -7.74
C THR I 58 1.84 -33.29 -8.37
N LYS I 59 1.83 -32.55 -9.47
CA LYS I 59 0.61 -32.32 -10.24
C LYS I 59 0.81 -32.85 -11.65
N TYR I 60 -0.02 -33.80 -12.04
CA TYR I 60 0.08 -34.46 -13.34
C TYR I 60 -1.00 -33.93 -14.27
N ASN I 61 -0.74 -34.08 -15.57
CA ASN I 61 -1.77 -33.78 -16.55
C ASN I 61 -2.78 -34.94 -16.60
N GLU I 62 -3.95 -34.65 -17.15
CA GLU I 62 -5.05 -35.61 -17.11
C GLU I 62 -4.70 -36.88 -17.88
N LYS I 63 -4.02 -36.74 -19.02
CA LYS I 63 -3.75 -37.89 -19.87
C LYS I 63 -2.86 -38.92 -19.18
N PHE I 64 -1.83 -38.46 -18.47
CA PHE I 64 -0.81 -39.37 -17.98
C PHE I 64 -0.98 -39.75 -16.52
N LYS I 65 -2.15 -39.47 -15.94
CA LYS I 65 -2.42 -39.88 -14.56
C LYS I 65 -2.46 -41.41 -14.49
N GLY I 66 -1.69 -41.96 -13.56
CA GLY I 66 -1.56 -43.39 -13.46
C GLY I 66 -0.64 -44.02 -14.48
N LYS I 67 0.00 -43.22 -15.33
CA LYS I 67 0.92 -43.72 -16.34
C LYS I 67 2.37 -43.49 -15.95
N ALA I 68 2.72 -42.27 -15.57
CA ALA I 68 4.06 -41.91 -15.14
C ALA I 68 4.05 -41.56 -13.65
N THR I 69 5.23 -41.69 -13.03
CA THR I 69 5.36 -41.38 -11.61
C THR I 69 6.68 -40.67 -11.38
N LEU I 70 6.62 -39.51 -10.74
CA LEU I 70 7.82 -38.76 -10.45
C LEU I 70 8.32 -39.06 -9.04
N THR I 71 9.55 -38.67 -8.76
CA THR I 71 10.14 -38.82 -7.44
C THR I 71 11.24 -37.79 -7.27
N ALA I 72 11.63 -37.57 -6.03
CA ALA I 72 12.65 -36.58 -5.70
C ALA I 72 13.72 -37.20 -4.83
N ASP I 73 14.93 -36.68 -4.96
CA ASP I 73 16.08 -37.12 -4.17
C ASP I 73 16.91 -35.88 -3.82
N THR I 74 16.64 -35.32 -2.64
CA THR I 74 17.38 -34.14 -2.21
C THR I 74 18.82 -34.45 -1.84
N SER I 75 19.18 -35.74 -1.76
CA SER I 75 20.55 -36.10 -1.43
C SER I 75 21.53 -35.64 -2.49
N SER I 76 21.15 -35.77 -3.77
CA SER I 76 22.04 -35.42 -4.88
C SER I 76 21.37 -34.52 -5.90
N SER I 77 20.26 -33.88 -5.54
CA SER I 77 19.52 -32.99 -6.43
C SER I 77 19.19 -33.67 -7.75
N THR I 78 18.70 -34.90 -7.65
CA THR I 78 18.37 -35.71 -8.82
C THR I 78 16.92 -36.16 -8.72
N ALA I 79 16.22 -36.09 -9.85
CA ALA I 79 14.83 -36.51 -9.95
C ALA I 79 14.71 -37.62 -10.98
N TYR I 80 13.79 -38.55 -10.73
CA TYR I 80 13.60 -39.69 -11.59
C TYR I 80 12.15 -39.77 -12.03
N MET I 81 11.95 -40.38 -13.20
CA MET I 81 10.61 -40.61 -13.75
C MET I 81 10.47 -42.08 -14.07
N GLN I 82 9.39 -42.69 -13.59
CA GLN I 82 9.09 -44.10 -13.85
C GLN I 82 7.89 -44.17 -14.79
N LEU I 83 8.10 -44.79 -15.94
CA LEU I 83 7.02 -45.02 -16.89
C LEU I 83 6.57 -46.48 -16.79
N ASN I 84 5.27 -46.68 -16.53
CA ASN I 84 4.73 -48.02 -16.26
C ASN I 84 3.49 -48.24 -17.14
N SER I 85 3.52 -47.70 -18.35
CA SER I 85 2.41 -47.89 -19.28
C SER I 85 2.92 -48.11 -20.71
N LEU I 86 4.23 -48.19 -20.88
CA LEU I 86 4.82 -48.24 -22.21
C LEU I 86 4.52 -49.58 -22.88
N THR I 87 3.74 -49.55 -23.96
CA THR I 87 3.57 -50.78 -24.72
C THR I 87 4.14 -50.67 -26.13
N SER I 88 3.60 -49.76 -26.94
CA SER I 88 4.22 -49.48 -28.25
C SER I 88 4.04 -48.02 -28.64
N GLU I 89 3.41 -47.23 -27.78
CA GLU I 89 2.92 -45.92 -28.16
C GLU I 89 3.80 -44.77 -27.69
N ASN I 90 4.99 -45.06 -27.18
CA ASN I 90 5.81 -44.05 -26.53
C ASN I 90 7.26 -44.11 -26.98
N SER I 91 7.50 -44.52 -28.23
CA SER I 91 8.84 -44.50 -28.81
C SER I 91 9.17 -43.06 -29.12
N ALA I 92 9.72 -42.35 -28.14
CA ALA I 92 9.83 -40.91 -28.25
C ALA I 92 11.05 -40.44 -27.45
N VAL I 93 11.10 -39.14 -27.15
CA VAL I 93 12.14 -38.54 -26.35
C VAL I 93 11.50 -37.75 -25.21
N TYR I 94 12.14 -37.78 -24.05
CA TYR I 94 11.67 -37.07 -22.88
C TYR I 94 12.69 -36.03 -22.45
N PHE I 95 12.20 -34.88 -21.99
CA PHE I 95 13.04 -33.73 -21.68
C PHE I 95 12.79 -33.29 -20.26
N CYS I 96 13.75 -33.56 -19.38
CA CYS I 96 13.71 -33.00 -18.03
C CYS I 96 14.18 -31.55 -18.05
N ALA I 97 13.33 -30.66 -17.55
CA ALA I 97 13.59 -29.23 -17.64
C ALA I 97 13.27 -28.56 -16.31
N ARG I 98 13.63 -27.30 -16.19
CA ARG I 98 13.44 -26.54 -14.96
C ARG I 98 12.49 -25.38 -15.21
N GLY I 99 12.21 -24.64 -14.14
CA GLY I 99 11.41 -23.44 -14.26
C GLY I 99 10.55 -23.13 -13.06
N LEU I 100 10.33 -21.84 -12.80
CA LEU I 100 9.36 -21.44 -11.79
C LEU I 100 7.96 -21.88 -12.21
N VAL I 101 6.99 -21.66 -11.32
CA VAL I 101 5.63 -22.09 -11.57
C VAL I 101 5.14 -21.46 -12.87
N GLY I 102 4.88 -22.30 -13.86
CA GLY I 102 4.55 -21.80 -15.17
C GLY I 102 5.65 -22.02 -16.19
N ALA I 103 6.21 -20.92 -16.71
CA ALA I 103 7.19 -20.97 -17.80
C ALA I 103 8.42 -21.80 -17.45
N MET I 104 9.18 -22.18 -18.47
CA MET I 104 10.39 -22.98 -18.30
C MET I 104 11.62 -22.13 -18.60
N ASP I 105 12.59 -22.18 -17.69
CA ASP I 105 13.91 -21.62 -17.95
C ASP I 105 14.81 -22.69 -18.55
N TYR I 106 16.13 -22.46 -18.52
CA TYR I 106 17.11 -23.32 -19.19
C TYR I 106 16.77 -24.80 -19.03
N TRP I 107 16.94 -25.54 -20.13
CA TRP I 107 16.51 -26.92 -20.24
C TRP I 107 17.66 -27.90 -20.04
N GLY I 108 17.40 -29.18 -20.29
CA GLY I 108 18.44 -30.19 -20.25
C GLY I 108 18.44 -31.00 -21.52
N GLN I 109 19.45 -31.87 -21.63
CA GLN I 109 19.65 -32.61 -22.87
C GLN I 109 18.48 -33.53 -23.18
N GLY I 110 17.98 -34.24 -22.19
CA GLY I 110 16.91 -35.20 -22.42
C GLY I 110 17.46 -36.58 -22.75
N THR I 111 16.54 -37.50 -23.04
CA THR I 111 16.95 -38.85 -23.42
C THR I 111 15.83 -39.49 -24.22
N SER I 112 16.20 -40.47 -25.05
CA SER I 112 15.27 -41.13 -25.94
C SER I 112 14.95 -42.54 -25.44
N VAL I 113 13.70 -42.94 -25.63
CA VAL I 113 13.23 -44.27 -25.24
C VAL I 113 12.55 -44.88 -26.46
N THR I 114 13.01 -46.08 -26.85
CA THR I 114 12.42 -46.83 -27.94
C THR I 114 12.22 -48.28 -27.50
N VAL I 115 11.04 -48.82 -27.80
CA VAL I 115 10.69 -50.17 -27.36
C VAL I 115 11.26 -51.20 -28.33
N ASP J 1 -10.25 -27.97 -20.93
CA ASP J 1 -8.85 -27.74 -21.25
C ASP J 1 -8.70 -26.58 -22.22
N ILE J 2 -7.47 -26.09 -22.38
CA ILE J 2 -7.16 -24.97 -23.26
C ILE J 2 -6.33 -25.47 -24.42
N VAL J 3 -6.69 -25.08 -25.62
CA VAL J 3 -5.98 -25.47 -26.83
C VAL J 3 -5.39 -24.21 -27.47
N MET J 4 -4.09 -24.25 -27.72
CA MET J 4 -3.35 -23.15 -28.34
C MET J 4 -3.04 -23.54 -29.78
N THR J 5 -3.68 -22.87 -30.73
CA THR J 5 -3.58 -23.21 -32.14
C THR J 5 -2.59 -22.29 -32.83
N GLN J 6 -1.76 -22.87 -33.70
CA GLN J 6 -0.72 -22.13 -34.40
C GLN J 6 -0.67 -22.62 -35.84
N SER J 7 -1.12 -21.79 -36.78
CA SER J 7 -1.13 -22.15 -38.18
C SER J 7 0.26 -21.97 -38.77
N GLN J 8 0.36 -22.06 -40.09
CA GLN J 8 1.63 -21.87 -40.82
C GLN J 8 2.68 -22.88 -40.35
N LYS J 9 2.41 -24.15 -40.62
CA LYS J 9 3.27 -25.24 -40.19
C LYS J 9 4.58 -25.25 -40.95
N PHE J 10 4.72 -24.40 -41.96
CA PHE J 10 5.96 -24.33 -42.73
C PHE J 10 6.04 -22.92 -43.34
N MET J 11 7.00 -22.13 -42.89
CA MET J 11 7.18 -20.77 -43.35
C MET J 11 8.64 -20.56 -43.74
N SER J 12 8.86 -20.03 -44.94
CA SER J 12 10.20 -19.69 -45.37
C SER J 12 10.36 -18.17 -45.42
N THR J 13 11.61 -17.73 -45.49
CA THR J 13 11.93 -16.31 -45.49
C THR J 13 13.36 -16.13 -46.00
N SER J 14 13.73 -14.88 -46.27
CA SER J 14 15.07 -14.56 -46.72
C SER J 14 15.98 -14.25 -45.54
N VAL J 15 17.17 -13.74 -45.81
CA VAL J 15 18.16 -13.48 -44.78
C VAL J 15 18.07 -12.03 -44.35
N GLY J 16 18.00 -11.81 -43.04
CA GLY J 16 18.03 -10.46 -42.51
C GLY J 16 16.78 -9.65 -42.71
N ASP J 17 15.68 -10.28 -43.11
CA ASP J 17 14.42 -9.59 -43.31
C ASP J 17 13.56 -9.69 -42.05
N ARG J 18 12.37 -9.10 -42.12
CA ARG J 18 11.44 -9.11 -41.00
C ARG J 18 10.44 -10.25 -41.18
N VAL J 19 10.43 -11.18 -40.23
CA VAL J 19 9.52 -12.32 -40.25
C VAL J 19 8.83 -12.42 -38.90
N SER J 20 7.56 -12.81 -38.92
CA SER J 20 6.77 -12.91 -37.70
C SER J 20 5.83 -14.11 -37.81
N VAL J 21 5.48 -14.69 -36.66
CA VAL J 21 4.56 -15.81 -36.62
C VAL J 21 3.34 -15.41 -35.80
N THR J 22 2.35 -16.30 -35.72
CA THR J 22 1.10 -15.99 -35.03
C THR J 22 0.64 -17.23 -34.29
N CYS J 23 0.14 -17.05 -33.07
CA CYS J 23 -0.30 -18.15 -32.23
C CYS J 23 -1.53 -17.72 -31.45
N LYS J 24 -2.70 -18.25 -31.83
CA LYS J 24 -3.96 -17.86 -31.21
C LYS J 24 -4.39 -18.88 -30.17
N ALA J 25 -5.00 -18.37 -29.09
CA ALA J 25 -5.45 -19.18 -27.98
C ALA J 25 -6.97 -19.21 -27.94
N SER J 26 -7.51 -20.35 -27.50
CA SER J 26 -8.97 -20.51 -27.44
C SER J 26 -9.55 -19.69 -26.30
N GLN J 27 -9.15 -20.00 -25.08
CA GLN J 27 -9.60 -19.23 -23.93
C GLN J 27 -8.64 -18.07 -23.66
N ASN J 28 -9.08 -17.13 -22.83
CA ASN J 28 -8.22 -16.03 -22.44
C ASN J 28 -7.06 -16.54 -21.59
N VAL J 29 -5.84 -16.15 -21.96
CA VAL J 29 -4.65 -16.63 -21.29
C VAL J 29 -3.93 -15.40 -20.73
N LEU J 30 -4.68 -14.32 -20.54
CA LEU J 30 -4.14 -13.04 -20.09
C LEU J 30 -2.89 -12.66 -20.87
N ASN J 31 -1.73 -12.70 -20.21
CA ASN J 31 -0.46 -12.38 -20.84
C ASN J 31 0.61 -13.38 -20.43
N ASN J 32 0.17 -14.56 -20.00
CA ASN J 32 1.06 -15.57 -19.40
C ASN J 32 1.41 -16.62 -20.46
N VAL J 33 2.18 -16.21 -21.47
CA VAL J 33 2.65 -17.13 -22.49
C VAL J 33 4.15 -16.95 -22.63
N ALA J 34 4.79 -17.92 -23.28
CA ALA J 34 6.24 -17.90 -23.47
C ALA J 34 6.59 -18.64 -24.73
N TRP J 35 7.57 -18.14 -25.47
CA TRP J 35 8.05 -18.80 -26.67
C TRP J 35 9.36 -19.55 -26.41
N TYR J 36 9.63 -20.53 -27.25
CA TYR J 36 10.84 -21.34 -27.14
C TYR J 36 11.36 -21.69 -28.54
N GLN J 37 12.66 -21.96 -28.62
CA GLN J 37 13.31 -22.30 -29.88
C GLN J 37 14.07 -23.61 -29.69
N GLN J 38 13.97 -24.50 -30.67
CA GLN J 38 14.70 -25.76 -30.67
C GLN J 38 15.28 -26.00 -32.06
N LYS J 39 16.61 -26.06 -32.14
CA LYS J 39 17.31 -26.44 -33.36
C LYS J 39 17.24 -27.95 -33.55
N PRO J 40 17.32 -28.42 -34.79
CA PRO J 40 17.25 -29.87 -35.03
C PRO J 40 18.25 -30.66 -34.21
N GLY J 41 17.77 -31.68 -33.50
CA GLY J 41 18.64 -32.52 -32.71
C GLY J 41 18.80 -32.06 -31.27
N GLN J 42 19.30 -30.85 -31.08
CA GLN J 42 19.59 -30.38 -29.74
C GLN J 42 18.31 -30.05 -28.99
N SER J 43 18.44 -29.89 -27.68
CA SER J 43 17.31 -29.60 -26.82
C SER J 43 16.94 -28.12 -26.89
N PRO J 44 15.67 -27.79 -26.71
CA PRO J 44 15.24 -26.40 -26.87
C PRO J 44 15.78 -25.49 -25.77
N LYS J 45 16.05 -24.24 -26.16
CA LYS J 45 16.40 -23.17 -25.24
C LYS J 45 15.15 -22.33 -24.95
N ALA J 46 15.31 -21.21 -24.27
CA ALA J 46 14.20 -20.34 -23.91
C ALA J 46 14.42 -18.97 -24.55
N LEU J 47 13.44 -18.50 -25.31
CA LEU J 47 13.56 -17.21 -26.00
C LEU J 47 12.94 -16.06 -25.23
N ILE J 48 11.63 -16.14 -25.00
CA ILE J 48 10.85 -15.02 -24.48
C ILE J 48 9.93 -15.52 -23.38
N TYR J 49 9.84 -14.76 -22.29
CA TYR J 49 8.93 -15.05 -21.20
C TYR J 49 8.04 -13.86 -20.94
N SER J 50 6.81 -14.14 -20.49
CA SER J 50 5.78 -13.15 -20.22
C SER J 50 5.40 -12.36 -21.47
N ALA J 51 5.74 -12.86 -22.64
CA ALA J 51 5.39 -12.35 -23.97
C ALA J 51 6.04 -11.01 -24.30
N SER J 52 6.70 -10.35 -23.36
CA SER J 52 7.36 -9.09 -23.68
C SER J 52 8.71 -8.95 -23.00
N TYR J 53 9.38 -10.06 -22.72
CA TYR J 53 10.68 -9.99 -22.05
C TYR J 53 11.58 -11.11 -22.57
N ARG J 54 12.86 -10.83 -22.65
CA ARG J 54 13.87 -11.77 -23.14
C ARG J 54 14.71 -12.29 -21.98
N TYR J 55 15.16 -13.54 -22.10
CA TYR J 55 16.08 -14.12 -21.13
C TYR J 55 17.48 -13.58 -21.38
N SER J 56 18.43 -14.03 -20.57
CA SER J 56 19.83 -13.64 -20.70
C SER J 56 20.52 -14.57 -21.68
N GLY J 57 21.01 -14.02 -22.78
CA GLY J 57 21.63 -14.79 -23.86
C GLY J 57 20.87 -14.69 -25.17
N VAL J 58 19.57 -14.42 -25.10
CA VAL J 58 18.80 -14.25 -26.34
C VAL J 58 19.20 -12.94 -26.99
N PRO J 59 19.57 -12.93 -28.27
CA PRO J 59 19.89 -11.67 -28.94
C PRO J 59 18.67 -10.77 -29.05
N ASP J 60 18.93 -9.46 -29.11
CA ASP J 60 17.87 -8.48 -29.15
C ASP J 60 17.10 -8.49 -30.46
N ARG J 61 17.57 -9.24 -31.47
CA ARG J 61 16.83 -9.36 -32.72
C ARG J 61 15.43 -9.91 -32.48
N PHE J 62 15.30 -10.81 -31.51
CA PHE J 62 14.01 -11.38 -31.16
C PHE J 62 13.21 -10.40 -30.31
N THR J 63 11.91 -10.33 -30.55
CA THR J 63 11.01 -9.56 -29.70
C THR J 63 9.64 -10.21 -29.72
N GLY J 64 8.81 -9.83 -28.76
CA GLY J 64 7.47 -10.39 -28.68
C GLY J 64 6.46 -9.35 -28.25
N SER J 65 5.21 -9.58 -28.64
CA SER J 65 4.13 -8.67 -28.29
C SER J 65 2.81 -9.44 -28.37
N GLY J 66 1.80 -8.88 -27.72
CA GLY J 66 0.47 -9.45 -27.75
C GLY J 66 -0.07 -9.61 -26.34
N SER J 67 -1.40 -9.67 -26.23
CA SER J 67 -2.07 -9.84 -24.95
C SER J 67 -3.44 -10.45 -25.19
N GLY J 68 -3.82 -11.40 -24.35
CA GLY J 68 -5.13 -12.00 -24.41
C GLY J 68 -5.25 -13.19 -25.34
N THR J 69 -5.29 -12.95 -26.65
CA THR J 69 -5.50 -14.05 -27.58
C THR J 69 -4.44 -14.13 -28.66
N ASP J 70 -4.03 -12.98 -29.21
CA ASP J 70 -3.17 -12.95 -30.40
C ASP J 70 -1.72 -12.66 -30.00
N PHE J 71 -1.10 -13.68 -29.41
CA PHE J 71 0.31 -13.56 -29.04
C PHE J 71 1.20 -13.82 -30.26
N THR J 72 2.15 -12.92 -30.50
CA THR J 72 3.03 -13.01 -31.66
C THR J 72 4.44 -12.60 -31.27
N LEU J 73 5.40 -13.02 -32.11
CA LEU J 73 6.78 -12.60 -31.98
C LEU J 73 7.26 -12.03 -33.31
N THR J 74 8.47 -11.47 -33.28
CA THR J 74 9.04 -10.85 -34.48
C THR J 74 10.56 -10.96 -34.36
N ILE J 75 11.18 -11.54 -35.38
CA ILE J 75 12.63 -11.56 -35.50
C ILE J 75 13.05 -10.40 -36.37
N SER J 76 13.94 -9.55 -35.86
CA SER J 76 14.32 -8.33 -36.57
C SER J 76 15.05 -8.66 -37.88
N ASN J 77 16.07 -9.51 -37.80
CA ASN J 77 16.84 -9.89 -38.97
C ASN J 77 17.12 -11.39 -38.91
N VAL J 78 16.75 -12.10 -39.97
CA VAL J 78 16.96 -13.54 -40.03
C VAL J 78 18.43 -13.82 -40.32
N GLN J 79 19.07 -14.53 -39.41
CA GLN J 79 20.47 -14.91 -39.54
C GLN J 79 20.56 -16.40 -39.82
N SER J 80 21.79 -16.88 -40.04
CA SER J 80 21.99 -18.29 -40.32
C SER J 80 21.66 -19.16 -39.11
N GLU J 81 21.99 -18.71 -37.91
CA GLU J 81 21.78 -19.51 -36.71
C GLU J 81 20.34 -19.54 -36.26
N ASP J 82 19.37 -19.04 -37.03
CA ASP J 82 17.98 -19.01 -36.62
C ASP J 82 17.14 -20.00 -37.43
N LEU J 83 17.77 -21.03 -37.96
CA LEU J 83 17.08 -22.08 -38.70
C LEU J 83 16.72 -23.18 -37.70
N ALA J 84 15.48 -23.15 -37.21
CA ALA J 84 15.06 -24.05 -36.14
C ALA J 84 13.54 -24.10 -36.11
N GLU J 85 13.00 -24.71 -35.05
CA GLU J 85 11.57 -24.75 -34.81
C GLU J 85 11.24 -23.86 -33.62
N TYR J 86 10.06 -23.25 -33.63
CA TYR J 86 9.65 -22.30 -32.61
C TYR J 86 8.27 -22.66 -32.07
N PHE J 87 8.12 -22.60 -30.75
CA PHE J 87 6.91 -23.03 -30.06
C PHE J 87 6.42 -21.90 -29.16
N CYS J 88 5.12 -21.95 -28.84
CA CYS J 88 4.51 -20.99 -27.92
C CYS J 88 3.64 -21.76 -26.93
N GLN J 89 3.73 -21.42 -25.66
CA GLN J 89 3.10 -22.19 -24.60
C GLN J 89 2.05 -21.37 -23.87
N GLN J 90 1.39 -22.02 -22.89
CA GLN J 90 0.29 -21.37 -22.15
C GLN J 90 0.44 -21.61 -20.66
N TYR J 91 1.13 -20.73 -19.96
CA TYR J 91 1.38 -20.91 -18.51
C TYR J 91 0.35 -20.15 -17.70
N ASN J 92 -0.90 -20.63 -17.71
CA ASN J 92 -1.99 -20.03 -16.91
C ASN J 92 -2.84 -21.17 -16.35
N SER J 93 -3.72 -21.77 -17.17
CA SER J 93 -4.46 -22.96 -16.68
C SER J 93 -3.45 -24.06 -16.40
N TYR J 94 -3.85 -25.13 -15.70
CA TYR J 94 -2.79 -26.08 -15.32
C TYR J 94 -2.45 -27.02 -16.47
N PRO J 95 -3.38 -27.74 -17.13
CA PRO J 95 -2.97 -28.54 -18.28
C PRO J 95 -2.18 -27.48 -19.06
N LEU J 96 -0.84 -27.58 -19.12
CA LEU J 96 0.00 -26.51 -19.72
C LEU J 96 -0.17 -26.43 -21.23
N THR J 97 -0.39 -27.55 -21.89
CA THR J 97 -0.70 -27.54 -23.35
C THR J 97 0.31 -26.74 -24.17
N PHE J 98 1.48 -27.31 -24.45
CA PHE J 98 2.44 -26.64 -25.37
C PHE J 98 1.76 -26.67 -26.74
N GLY J 99 2.17 -25.83 -27.67
CA GLY J 99 1.38 -25.72 -28.92
C GLY J 99 2.04 -26.11 -30.22
N ASP J 100 1.56 -27.17 -30.87
CA ASP J 100 2.00 -27.55 -32.24
C ASP J 100 3.48 -27.28 -32.50
N GLY J 101 3.79 -26.78 -33.69
CA GLY J 101 5.19 -26.50 -34.08
C GLY J 101 5.27 -25.71 -35.36
N THR J 102 6.18 -24.75 -35.44
CA THR J 102 6.39 -23.96 -36.68
C THR J 102 7.87 -23.94 -37.04
N LYS J 103 8.19 -23.78 -38.33
CA LYS J 103 9.57 -23.73 -38.77
C LYS J 103 9.80 -22.46 -39.58
N LEU J 104 11.05 -22.02 -39.61
CA LEU J 104 11.47 -20.84 -40.36
C LEU J 104 12.63 -21.23 -41.26
N GLU J 105 12.31 -21.58 -42.49
CA GLU J 105 13.29 -22.03 -43.48
C GLU J 105 13.71 -20.87 -44.36
N LEU J 106 14.63 -21.15 -45.27
CA LEU J 106 15.13 -20.16 -46.23
C LEU J 106 14.42 -20.30 -47.55
N LYS J 107 14.78 -19.44 -48.49
CA LYS J 107 14.19 -19.48 -49.83
C LYS J 107 15.09 -18.80 -50.85
#